data_6GW5
#
_entry.id   6GW5
#
_cell.length_a   69.146
_cell.length_b   87.321
_cell.length_c   169.007
_cell.angle_alpha   90.00
_cell.angle_beta   90.00
_cell.angle_gamma   90.00
#
_symmetry.space_group_name_H-M   'P 2 21 21'
#
loop_
_entity.id
_entity.type
_entity.pdbx_description
1 polymer 'Putative Outer membrane protein'
2 water water
#
_entity_poly.entity_id   1
_entity_poly.type   'polypeptide(L)'
_entity_poly.pdbx_seq_one_letter_code
;NTGELKNLNEKYEQLSQYLNQVASLKQSIQNANNIELVNSSLNYLKSFTNNNYNSTTQSPIFNAVQAVITSVLGFWSLYA
GNYLTFFVVNKDTQKPASVQGNPPFSTIVQNCSGIENCAMNQTTYDKMKKLAEDLQAAQQNATTKANNLCALSGCATTQG
QNPSSTVSNALNLAQQLMDLIANTKTAMMWKNIVIAGVSNVSGAIDSTDYPTQYAVLNNIKAMIPILQQAVTLSQSNHTL
SASLQAQATGSQTNPKFAKDIYAFAQNQKQVISYAQDIFNLFSSIPKDQYRYLEKAYLKIPNAGKTPTNPYRQEVNLNQE
IQTIQNNVSYYGNRVDAALSVAKDVYNLKSNQTEIVTTYNNAKNLSQEISKLPYNQVNTKDIITLPYDQNAPAAGQYNYQ
INPEQQSNLSQALAAMSNNPFKKVGMISSQNNNGHHHHHH
;
_entity_poly.pdbx_strand_id   A,B
#
# COMPACT_ATOMS: atom_id res chain seq x y z
N THR A 2 -21.38 -9.07 39.99
CA THR A 2 -20.09 -8.32 39.89
C THR A 2 -20.01 -7.48 38.59
N GLY A 3 -20.94 -6.53 38.54
CA GLY A 3 -20.72 -5.26 37.83
C GLY A 3 -19.51 -4.48 38.34
N GLU A 4 -19.08 -4.73 39.58
CA GLU A 4 -17.81 -4.26 40.14
C GLU A 4 -16.61 -4.69 39.28
N LEU A 5 -16.50 -5.99 39.04
CA LEU A 5 -15.35 -6.56 38.37
C LEU A 5 -15.27 -6.11 36.91
N LYS A 6 -16.40 -6.10 36.20
CA LYS A 6 -16.42 -5.65 34.81
C LYS A 6 -15.97 -4.22 34.63
N ASN A 7 -16.42 -3.33 35.51
CA ASN A 7 -16.01 -1.94 35.46
C ASN A 7 -14.49 -1.80 35.66
N LEU A 8 -13.98 -2.54 36.62
CA LEU A 8 -12.57 -2.53 36.95
C LEU A 8 -11.72 -3.06 35.77
N ASN A 9 -12.22 -4.11 35.15
CA ASN A 9 -11.50 -4.81 34.10
C ASN A 9 -11.36 -3.95 32.86
N GLU A 10 -12.35 -3.12 32.59
CA GLU A 10 -12.25 -2.31 31.39
C GLU A 10 -11.53 -0.98 31.68
N LYS A 11 -11.60 -0.52 32.93
CA LYS A 11 -10.76 0.58 33.36
C LYS A 11 -9.30 0.15 33.33
N TYR A 12 -9.05 -1.08 33.76
CA TYR A 12 -7.69 -1.59 33.75
C TYR A 12 -7.20 -1.68 32.33
N GLU A 13 -8.01 -2.23 31.45
CA GLU A 13 -7.59 -2.46 30.08
C GLU A 13 -7.35 -1.13 29.39
N GLN A 14 -8.07 -0.12 29.80
CA GLN A 14 -7.94 1.19 29.21
C GLN A 14 -6.68 1.93 29.67
N LEU A 15 -6.37 1.80 30.95
CA LEU A 15 -5.17 2.42 31.48
C LEU A 15 -3.94 1.79 30.82
N SER A 16 -3.98 0.47 30.72
CA SER A 16 -2.94 -0.31 30.10
C SER A 16 -2.74 0.12 28.69
N GLN A 17 -3.82 0.39 27.99
CA GLN A 17 -3.69 0.85 26.65
C GLN A 17 -3.07 2.25 26.65
N TYR A 18 -3.49 3.14 27.54
CA TYR A 18 -2.87 4.50 27.54
C TYR A 18 -1.36 4.41 27.75
N LEU A 19 -0.94 3.46 28.59
CA LEU A 19 0.47 3.30 28.91
C LEU A 19 1.23 2.75 27.73
N ASN A 20 0.62 1.89 26.94
CA ASN A 20 1.32 1.39 25.78
C ASN A 20 1.49 2.46 24.79
N GLN A 21 0.47 3.31 24.71
CA GLN A 21 0.39 4.43 23.79
C GLN A 21 1.50 5.43 24.15
N VAL A 22 1.62 5.75 25.42
CA VAL A 22 2.63 6.68 25.78
C VAL A 22 4.01 6.16 25.42
N ALA A 23 4.27 4.87 25.72
CA ALA A 23 5.57 4.26 25.38
C ALA A 23 5.91 4.35 23.89
N SER A 24 4.89 4.17 23.07
CA SER A 24 5.08 4.15 21.64
C SER A 24 5.28 5.59 21.12
N LEU A 25 4.47 6.53 21.59
CA LEU A 25 4.68 7.96 21.34
C LEU A 25 6.08 8.50 21.76
N LYS A 26 6.63 8.06 22.89
CA LYS A 26 7.95 8.50 23.27
C LYS A 26 8.94 8.14 22.18
N GLN A 27 8.85 6.92 21.71
CA GLN A 27 9.80 6.45 20.76
C GLN A 27 9.68 7.30 19.50
N SER A 28 8.45 7.62 19.12
CA SER A 28 8.25 8.41 17.92
C SER A 28 8.77 9.79 18.11
N ILE A 29 8.55 10.35 19.31
CA ILE A 29 9.01 11.70 19.56
C ILE A 29 10.53 11.71 19.57
N GLN A 30 11.16 10.67 20.14
CA GLN A 30 12.61 10.63 20.22
C GLN A 30 13.24 10.61 18.85
N ASN A 31 12.69 9.75 18.00
CA ASN A 31 13.14 9.62 16.64
C ASN A 31 13.10 10.93 15.90
N ALA A 32 11.99 11.62 15.99
CA ALA A 32 11.88 12.90 15.33
C ALA A 32 12.91 13.93 15.83
N ASN A 33 13.28 13.88 17.10
CA ASN A 33 14.28 14.80 17.70
C ASN A 33 15.68 14.24 17.60
N ASN A 34 15.81 13.07 16.99
CA ASN A 34 17.12 12.42 16.81
C ASN A 34 17.73 12.88 15.51
N ILE A 35 18.55 13.90 15.59
CA ILE A 35 18.97 14.62 14.40
C ILE A 35 19.78 13.74 13.49
N GLU A 36 20.62 12.91 14.06
CA GLU A 36 21.49 12.11 13.25
C GLU A 36 20.65 11.06 12.50
N LEU A 37 19.68 10.49 13.19
CA LEU A 37 18.80 9.55 12.54
C LEU A 37 17.98 10.20 11.41
N VAL A 38 17.48 11.38 11.67
CA VAL A 38 16.69 12.09 10.65
C VAL A 38 17.52 12.46 9.43
N ASN A 39 18.73 12.98 9.64
CA ASN A 39 19.63 13.33 8.52
C ASN A 39 20.05 12.15 7.70
N SER A 40 20.25 11.07 8.39
CA SER A 40 20.64 9.84 7.82
C SER A 40 19.55 9.30 6.86
N SER A 41 18.31 9.27 7.34
CA SER A 41 17.11 8.90 6.60
C SER A 41 16.91 9.77 5.38
N LEU A 42 17.08 11.06 5.59
CA LEU A 42 17.03 12.02 4.47
C LEU A 42 18.16 11.77 3.45
N ASN A 43 19.39 11.59 3.94
CA ASN A 43 20.51 11.34 3.03
C ASN A 43 20.33 10.03 2.25
N TYR A 44 19.71 9.05 2.87
CA TYR A 44 19.42 7.83 2.21
C TYR A 44 18.49 8.10 1.04
N LEU A 45 17.44 8.85 1.29
CA LEU A 45 16.46 9.14 0.27
C LEU A 45 17.02 9.97 -0.88
N LYS A 46 17.84 10.95 -0.56
CA LYS A 46 18.47 11.73 -1.59
C LYS A 46 19.38 10.88 -2.42
N SER A 47 20.16 10.05 -1.74
CA SER A 47 21.08 9.18 -2.38
C SER A 47 20.30 8.30 -3.34
N PHE A 48 19.24 7.70 -2.83
CA PHE A 48 18.43 6.85 -3.65
C PHE A 48 17.86 7.60 -4.85
N THR A 49 17.33 8.79 -4.64
CA THR A 49 16.85 9.61 -5.76
C THR A 49 17.91 9.87 -6.82
N ASN A 50 19.13 10.16 -6.41
CA ASN A 50 20.20 10.47 -7.37
C ASN A 50 20.57 9.26 -8.22
N ASN A 51 20.79 8.11 -7.57
CA ASN A 51 21.06 6.89 -8.26
C ASN A 51 19.94 6.51 -9.21
N ASN A 52 18.72 6.59 -8.75
CA ASN A 52 17.62 6.26 -9.59
C ASN A 52 17.58 7.10 -10.86
N TYR A 53 18.03 8.34 -10.73
CA TYR A 53 17.84 9.39 -11.72
C TYR A 53 19.01 9.47 -12.67
N ASN A 54 20.22 9.22 -12.20
CA ASN A 54 21.42 9.40 -12.99
C ASN A 54 22.13 8.16 -13.43
N SER A 55 21.86 7.02 -12.79
CA SER A 55 22.60 5.81 -13.10
C SER A 55 21.91 4.99 -14.21
N THR A 56 22.73 4.26 -14.96
CA THR A 56 22.27 3.33 -15.98
C THR A 56 22.52 1.87 -15.57
N THR A 57 23.16 1.64 -14.43
CA THR A 57 23.32 0.30 -13.83
C THR A 57 22.59 0.09 -12.54
N GLN A 58 22.46 1.17 -11.79
CA GLN A 58 22.12 1.11 -10.40
C GLN A 58 20.75 1.80 -10.12
N SER A 59 20.04 2.23 -11.16
CA SER A 59 18.69 2.79 -11.05
C SER A 59 17.59 1.70 -11.12
N PRO A 60 16.81 1.53 -10.07
CA PRO A 60 15.73 0.58 -10.15
C PRO A 60 14.81 0.84 -11.31
N ILE A 61 14.44 2.09 -11.53
CA ILE A 61 13.54 2.34 -12.66
C ILE A 61 14.23 2.12 -14.03
N PHE A 62 15.50 2.49 -14.14
CA PHE A 62 16.23 2.20 -15.36
C PHE A 62 16.17 0.72 -15.62
N ASN A 63 16.45 -0.09 -14.59
CA ASN A 63 16.59 -1.56 -14.76
C ASN A 63 15.22 -2.18 -15.11
N ALA A 64 14.18 -1.69 -14.49
CA ALA A 64 12.84 -2.07 -14.84
C ALA A 64 12.50 -1.74 -16.28
N VAL A 65 12.92 -0.59 -16.77
CA VAL A 65 12.75 -0.28 -18.20
C VAL A 65 13.49 -1.27 -19.11
N GLN A 66 14.78 -1.48 -18.86
CA GLN A 66 15.53 -2.49 -19.55
C GLN A 66 14.76 -3.79 -19.71
N ALA A 67 14.27 -4.33 -18.59
CA ALA A 67 13.63 -5.60 -18.64
C ALA A 67 12.36 -5.51 -19.49
N VAL A 68 11.60 -4.43 -19.34
CA VAL A 68 10.35 -4.29 -20.09
C VAL A 68 10.63 -4.14 -21.60
N ILE A 69 11.64 -3.36 -21.96
CA ILE A 69 11.98 -3.21 -23.37
C ILE A 69 12.45 -4.52 -23.92
N THR A 70 13.36 -5.17 -23.23
CA THR A 70 13.80 -6.50 -23.63
C THR A 70 12.54 -7.38 -23.92
N SER A 71 11.61 -7.40 -22.98
CA SER A 71 10.50 -8.29 -23.04
C SER A 71 9.56 -7.91 -24.22
N VAL A 72 9.50 -6.63 -24.56
CA VAL A 72 8.74 -6.14 -25.70
C VAL A 72 9.36 -6.62 -27.00
N LEU A 73 10.67 -6.43 -27.11
CA LEU A 73 11.42 -6.95 -28.25
C LEU A 73 11.37 -8.47 -28.32
N GLY A 74 11.26 -9.14 -27.18
CA GLY A 74 11.17 -10.56 -27.16
C GLY A 74 9.84 -10.99 -27.73
N PHE A 75 8.76 -10.35 -27.29
CA PHE A 75 7.48 -10.71 -27.82
C PHE A 75 7.46 -10.42 -29.31
N TRP A 76 7.99 -9.30 -29.71
CA TRP A 76 8.04 -8.98 -31.13
C TRP A 76 8.75 -10.09 -31.88
N SER A 77 9.86 -10.53 -31.35
CA SER A 77 10.64 -11.55 -32.02
C SER A 77 9.80 -12.84 -32.13
N LEU A 78 9.01 -13.16 -31.13
CA LEU A 78 8.17 -14.34 -31.18
C LEU A 78 7.11 -14.18 -32.23
N TYR A 79 6.42 -13.06 -32.18
CA TYR A 79 5.25 -12.74 -33.01
C TYR A 79 5.59 -12.57 -34.46
N ALA A 80 6.66 -11.82 -34.68
CA ALA A 80 7.15 -11.54 -36.02
C ALA A 80 8.62 -11.96 -36.10
N GLY A 81 9.54 -11.04 -35.81
CA GLY A 81 10.96 -11.35 -35.83
C GLY A 81 11.38 -11.85 -37.19
N ASN A 82 11.98 -13.04 -37.22
CA ASN A 82 12.67 -13.58 -38.39
C ASN A 82 11.87 -14.69 -39.07
N TYR A 83 10.62 -14.85 -38.68
CA TYR A 83 9.73 -15.88 -39.19
C TYR A 83 8.35 -15.51 -38.69
N LEU A 84 7.57 -14.79 -39.49
CA LEU A 84 6.26 -14.30 -39.11
C LEU A 84 5.29 -15.39 -38.66
N THR A 85 4.53 -15.13 -37.61
CA THR A 85 3.48 -16.05 -37.17
C THR A 85 2.13 -15.70 -37.80
N PHE A 86 2.15 -14.86 -38.81
CA PHE A 86 0.98 -14.46 -39.58
C PHE A 86 1.46 -14.32 -41.03
N PHE A 87 0.52 -14.14 -41.96
CA PHE A 87 0.84 -14.06 -43.38
C PHE A 87 0.59 -12.64 -43.83
N VAL A 88 1.62 -11.98 -44.35
CA VAL A 88 1.47 -10.60 -44.85
C VAL A 88 1.19 -10.56 -46.34
N VAL A 89 0.36 -9.62 -46.74
CA VAL A 89 -0.11 -9.56 -48.11
C VAL A 89 -0.04 -8.15 -48.64
N ASN A 90 0.39 -8.01 -49.88
CA ASN A 90 0.24 -6.73 -50.54
C ASN A 90 -1.21 -6.65 -50.97
N LYS A 91 -1.97 -5.69 -50.49
CA LYS A 91 -3.37 -5.54 -50.96
C LYS A 91 -3.48 -5.21 -52.46
N LYS A 95 -1.91 -9.97 -53.51
CA LYS A 95 -1.38 -11.11 -52.74
C LYS A 95 0.01 -10.97 -51.99
N PRO A 96 0.77 -12.12 -51.78
CA PRO A 96 1.84 -12.29 -50.74
C PRO A 96 2.97 -11.28 -50.89
N ALA A 97 3.37 -10.69 -49.78
CA ALA A 97 4.25 -9.52 -49.83
C ALA A 97 5.70 -9.96 -49.89
N SER A 98 6.54 -9.13 -50.49
CA SER A 98 7.97 -9.43 -50.63
C SER A 98 8.81 -9.39 -49.33
N VAL A 99 8.22 -8.99 -48.19
CA VAL A 99 8.97 -8.81 -46.92
C VAL A 99 9.61 -10.03 -46.31
N GLN A 100 10.76 -9.79 -45.68
CA GLN A 100 11.59 -10.85 -45.10
C GLN A 100 10.90 -11.49 -43.92
N GLY A 101 10.94 -12.82 -43.88
CA GLY A 101 10.38 -13.60 -42.80
C GLY A 101 8.98 -14.12 -43.06
N ASN A 102 8.35 -13.69 -44.15
CA ASN A 102 6.99 -14.14 -44.47
C ASN A 102 6.93 -15.67 -44.65
N PRO A 103 6.02 -16.33 -43.94
CA PRO A 103 6.01 -17.79 -44.06
C PRO A 103 5.31 -18.24 -45.31
N PRO A 104 5.49 -19.50 -45.67
CA PRO A 104 4.71 -20.05 -46.79
C PRO A 104 3.21 -20.05 -46.51
N PHE A 105 2.41 -19.92 -47.54
CA PHE A 105 0.95 -19.83 -47.35
C PHE A 105 0.32 -21.12 -46.79
N SER A 106 1.01 -22.25 -46.98
CA SER A 106 0.62 -23.55 -46.41
C SER A 106 0.42 -23.49 -44.90
N THR A 107 1.29 -22.72 -44.26
CA THR A 107 1.11 -22.22 -42.89
C THR A 107 -0.34 -21.91 -42.51
N ILE A 108 -1.01 -21.14 -43.36
CA ILE A 108 -2.37 -20.71 -43.11
C ILE A 108 -3.30 -21.90 -43.21
N VAL A 109 -3.05 -22.79 -44.18
CA VAL A 109 -3.92 -23.94 -44.41
C VAL A 109 -3.81 -24.86 -43.18
N GLN A 110 -2.57 -25.22 -42.90
CA GLN A 110 -2.25 -26.08 -41.79
C GLN A 110 -2.60 -25.48 -40.45
N ASN A 111 -2.13 -24.28 -40.14
CA ASN A 111 -2.31 -23.78 -38.73
C ASN A 111 -3.41 -22.77 -38.47
N CYS A 112 -4.01 -22.19 -39.51
CA CYS A 112 -5.05 -21.20 -39.34
C CYS A 112 -6.38 -21.67 -39.91
N SER A 113 -6.69 -22.94 -39.70
CA SER A 113 -8.07 -23.38 -39.92
C SER A 113 -9.01 -22.72 -38.94
N GLY A 114 -10.27 -22.85 -39.21
CA GLY A 114 -11.25 -22.25 -38.36
C GLY A 114 -11.31 -20.76 -38.47
N ILE A 115 -12.32 -20.24 -37.77
CA ILE A 115 -12.90 -18.93 -38.02
C ILE A 115 -11.96 -17.72 -37.98
N GLU A 116 -10.78 -17.84 -37.37
CA GLU A 116 -9.90 -16.67 -37.14
C GLU A 116 -9.02 -16.40 -38.34
N ASN A 117 -8.72 -15.11 -38.47
CA ASN A 117 -7.95 -14.53 -39.56
C ASN A 117 -6.48 -14.34 -39.20
N CYS A 118 -5.58 -14.94 -39.98
CA CYS A 118 -4.13 -14.86 -39.73
C CYS A 118 -3.36 -14.11 -40.79
N ALA A 119 -4.06 -13.21 -41.48
CA ALA A 119 -3.43 -12.44 -42.54
C ALA A 119 -3.29 -11.02 -42.07
N MET A 120 -2.35 -10.32 -42.64
CA MET A 120 -2.14 -8.93 -42.28
C MET A 120 -1.83 -8.12 -43.52
N ASN A 121 -2.36 -6.92 -43.58
CA ASN A 121 -1.92 -5.99 -44.60
C ASN A 121 -0.49 -5.56 -44.48
N GLN A 122 0.23 -5.53 -45.60
CA GLN A 122 1.58 -5.03 -45.63
C GLN A 122 1.69 -3.59 -45.05
N THR A 123 0.74 -2.72 -45.38
CA THR A 123 0.63 -1.41 -44.73
C THR A 123 0.86 -1.54 -43.20
N THR A 124 -0.03 -2.29 -42.53
CA THR A 124 -0.01 -2.40 -41.11
C THR A 124 1.32 -2.99 -40.63
N TYR A 125 1.81 -4.01 -41.30
CA TYR A 125 3.03 -4.68 -40.87
C TYR A 125 4.24 -3.75 -40.91
N ASP A 126 4.32 -2.90 -41.92
CA ASP A 126 5.53 -2.12 -42.15
C ASP A 126 5.68 -1.10 -41.01
N LYS A 127 4.55 -0.60 -40.47
CA LYS A 127 4.59 0.33 -39.35
C LYS A 127 5.10 -0.38 -38.09
N MET A 128 4.48 -1.53 -37.79
CA MET A 128 4.93 -2.42 -36.76
C MET A 128 6.43 -2.61 -36.84
N LYS A 129 6.90 -3.02 -38.02
CA LYS A 129 8.31 -3.39 -38.22
C LYS A 129 9.22 -2.18 -37.98
N LYS A 130 8.77 -1.04 -38.48
CA LYS A 130 9.47 0.19 -38.31
C LYS A 130 9.63 0.57 -36.82
N LEU A 131 8.53 0.49 -36.08
CA LEU A 131 8.54 0.75 -34.64
C LEU A 131 9.50 -0.17 -33.95
N ALA A 132 9.48 -1.45 -34.33
CA ALA A 132 10.33 -2.44 -33.70
C ALA A 132 11.80 -2.22 -33.94
N GLU A 133 12.12 -1.78 -35.17
CA GLU A 133 13.49 -1.48 -35.57
C GLU A 133 14.00 -0.29 -34.78
N ASP A 134 13.13 0.69 -34.58
CA ASP A 134 13.47 1.88 -33.83
C ASP A 134 13.75 1.55 -32.37
N LEU A 135 12.85 0.76 -31.78
CA LEU A 135 12.96 0.37 -30.40
C LEU A 135 14.18 -0.46 -30.17
N GLN A 136 14.52 -1.30 -31.15
CA GLN A 136 15.76 -2.08 -31.09
C GLN A 136 16.98 -1.13 -31.03
N ALA A 137 17.02 -0.19 -31.96
CA ALA A 137 18.10 0.82 -32.04
C ALA A 137 18.18 1.66 -30.78
N ALA A 138 17.02 2.02 -30.25
CA ALA A 138 16.92 2.76 -29.02
C ALA A 138 17.48 1.99 -27.83
N GLN A 139 17.32 0.66 -27.80
CA GLN A 139 17.93 -0.17 -26.72
C GLN A 139 19.45 -0.32 -26.84
N GLN A 140 19.93 -0.47 -28.07
CA GLN A 140 21.29 -0.88 -28.29
C GLN A 140 21.90 -0.37 -29.59
N ASN A 141 23.20 -0.04 -29.50
CA ASN A 141 23.99 0.29 -30.69
C ASN A 141 24.34 -1.00 -31.41
N ALA A 142 23.83 -1.15 -32.63
CA ALA A 142 23.96 -2.44 -33.35
C ALA A 142 25.40 -2.95 -33.50
N THR A 143 26.36 -2.07 -33.75
CA THR A 143 27.78 -2.53 -33.86
C THR A 143 28.54 -2.66 -32.53
N THR A 144 28.51 -1.62 -31.69
CA THR A 144 29.11 -1.66 -30.35
C THR A 144 28.45 -2.66 -29.40
N LYS A 145 27.16 -2.98 -29.65
CA LYS A 145 26.35 -3.84 -28.76
C LYS A 145 26.26 -3.31 -27.32
N ALA A 146 26.41 -1.98 -27.18
CA ALA A 146 26.36 -1.35 -25.86
C ALA A 146 25.03 -0.64 -25.73
N ASN A 147 24.63 -0.46 -24.48
CA ASN A 147 23.39 0.21 -24.16
C ASN A 147 23.23 1.57 -24.83
N ASN A 148 22.01 1.88 -25.29
CA ASN A 148 21.72 3.16 -25.90
C ASN A 148 20.61 3.98 -25.25
N LEU A 149 20.10 3.48 -24.12
CA LEU A 149 19.13 4.24 -23.34
C LEU A 149 19.87 5.14 -22.37
N CYS A 150 19.48 6.39 -22.29
CA CYS A 150 20.12 7.34 -21.39
C CYS A 150 19.56 7.19 -20.00
N ALA A 151 20.35 7.61 -19.02
CA ALA A 151 19.83 7.76 -17.68
C ALA A 151 18.59 8.63 -17.70
N LEU A 152 17.73 8.49 -16.71
CA LEU A 152 16.49 9.23 -16.67
C LEU A 152 16.70 10.74 -16.64
N SER A 153 17.90 11.16 -16.26
CA SER A 153 18.29 12.58 -16.28
C SER A 153 18.41 13.22 -17.66
N GLY A 154 18.56 12.42 -18.73
CA GLY A 154 18.57 12.86 -20.12
C GLY A 154 19.86 12.46 -20.82
N CYS A 155 20.07 12.91 -22.05
CA CYS A 155 21.19 12.41 -22.88
C CYS A 155 22.41 13.35 -22.99
N ALA A 156 22.91 13.78 -21.84
CA ALA A 156 24.16 14.56 -21.76
C ALA A 156 25.36 13.60 -21.75
N PRO A 163 25.13 7.14 -25.83
CA PRO A 163 23.73 6.67 -25.69
C PRO A 163 22.71 7.75 -26.10
N SER A 164 21.87 7.46 -27.07
CA SER A 164 21.12 8.49 -27.79
C SER A 164 19.62 8.47 -27.55
N SER A 165 19.10 7.48 -26.81
CA SER A 165 17.64 7.46 -26.62
C SER A 165 17.19 7.72 -25.19
N THR A 166 16.25 8.65 -25.04
CA THR A 166 15.56 8.81 -23.76
C THR A 166 14.76 7.53 -23.50
N VAL A 167 14.50 7.23 -22.23
CA VAL A 167 13.66 6.06 -21.90
C VAL A 167 12.20 6.37 -22.24
N SER A 168 11.80 7.63 -22.13
CA SER A 168 10.42 7.98 -22.46
C SER A 168 10.12 7.67 -23.90
N ASN A 169 11.09 8.00 -24.75
CA ASN A 169 11.06 7.67 -26.17
C ASN A 169 10.84 6.18 -26.39
N ALA A 170 11.78 5.37 -25.87
CA ALA A 170 11.68 3.90 -25.89
C ALA A 170 10.34 3.38 -25.37
N LEU A 171 9.90 3.91 -24.24
CA LEU A 171 8.59 3.51 -23.74
C LEU A 171 7.44 3.90 -24.67
N ASN A 172 7.55 5.07 -25.34
CA ASN A 172 6.51 5.53 -26.25
C ASN A 172 6.49 4.62 -27.48
N LEU A 173 7.70 4.25 -27.95
CA LEU A 173 7.82 3.32 -29.05
C LEU A 173 7.12 2.04 -28.67
N ALA A 174 7.53 1.46 -27.56
CA ALA A 174 6.94 0.24 -27.08
C ALA A 174 5.45 0.34 -26.97
N GLN A 175 4.97 1.47 -26.44
CA GLN A 175 3.51 1.69 -26.27
C GLN A 175 2.79 1.62 -27.62
N GLN A 176 3.41 2.22 -28.64
CA GLN A 176 2.79 2.28 -29.96
C GLN A 176 2.74 0.91 -30.61
N LEU A 177 3.84 0.19 -30.48
CA LEU A 177 4.00 -1.13 -31.05
C LEU A 177 3.04 -2.16 -30.49
N MET A 178 2.81 -2.09 -29.19
CA MET A 178 1.93 -3.08 -28.54
C MET A 178 0.46 -2.71 -28.74
N ASP A 179 0.14 -1.42 -28.79
CA ASP A 179 -1.25 -0.99 -29.10
C ASP A 179 -1.60 -1.47 -30.49
N LEU A 180 -0.65 -1.32 -31.42
CA LEU A 180 -0.86 -1.70 -32.80
C LEU A 180 -1.07 -3.20 -32.94
N ILE A 181 -0.20 -3.97 -32.28
CA ILE A 181 -0.36 -5.43 -32.24
C ILE A 181 -1.74 -5.81 -31.67
N ALA A 182 -2.12 -5.22 -30.53
CA ALA A 182 -3.38 -5.57 -29.87
C ALA A 182 -4.59 -5.20 -30.70
N ASN A 183 -4.51 -4.10 -31.45
CA ASN A 183 -5.67 -3.56 -32.18
C ASN A 183 -5.89 -4.25 -33.50
N THR A 184 -4.79 -4.67 -34.13
CA THR A 184 -4.82 -5.38 -35.39
C THR A 184 -5.42 -6.78 -35.24
N LYS A 185 -6.48 -7.09 -36.00
CA LYS A 185 -7.21 -8.35 -35.89
C LYS A 185 -6.55 -9.42 -36.75
N THR A 186 -5.30 -9.68 -36.45
CA THR A 186 -4.57 -10.77 -37.05
C THR A 186 -4.11 -11.66 -35.93
N ALA A 187 -4.46 -12.93 -36.07
CA ALA A 187 -4.07 -13.97 -35.13
C ALA A 187 -2.67 -14.49 -35.37
N MET A 188 -2.05 -14.99 -34.30
CA MET A 188 -0.72 -15.54 -34.39
C MET A 188 -0.78 -17.05 -34.31
N MET A 189 0.05 -17.70 -35.13
CA MET A 189 0.12 -19.14 -35.20
C MET A 189 1.38 -19.49 -34.43
N TRP A 190 1.21 -20.01 -33.22
CA TRP A 190 2.37 -20.33 -32.36
C TRP A 190 3.18 -21.49 -32.88
N LYS A 191 2.56 -22.34 -33.70
CA LYS A 191 3.25 -23.45 -34.33
C LYS A 191 4.37 -22.97 -35.26
N ASN A 192 4.25 -21.77 -35.80
CA ASN A 192 5.30 -21.19 -36.60
C ASN A 192 6.59 -20.88 -35.81
N ILE A 193 6.50 -20.79 -34.49
CA ILE A 193 7.67 -20.51 -33.67
C ILE A 193 8.42 -21.76 -33.35
N VAL A 194 9.69 -21.75 -33.71
CA VAL A 194 10.57 -22.91 -33.58
C VAL A 194 11.74 -22.50 -32.70
N ILE A 195 11.86 -23.24 -31.59
CA ILE A 195 12.88 -22.99 -30.59
C ILE A 195 13.22 -24.34 -30.00
N ALA A 196 14.43 -24.79 -30.26
CA ALA A 196 14.80 -26.14 -29.93
C ALA A 196 14.77 -26.30 -28.42
N GLY A 197 14.09 -27.35 -27.97
CA GLY A 197 13.98 -27.67 -26.53
C GLY A 197 12.80 -26.98 -25.90
N VAL A 198 11.99 -26.31 -26.72
CA VAL A 198 10.88 -25.53 -26.21
C VAL A 198 9.64 -25.81 -27.01
N SER A 199 9.69 -25.54 -28.31
CA SER A 199 8.51 -25.75 -29.16
C SER A 199 8.29 -27.21 -29.57
N ASN A 200 9.26 -28.07 -29.28
CA ASN A 200 9.17 -29.48 -29.60
C ASN A 200 9.01 -30.42 -28.39
N VAL A 201 8.67 -29.90 -27.21
CA VAL A 201 8.56 -30.74 -25.97
C VAL A 201 7.19 -30.56 -25.30
N SER A 202 6.85 -31.31 -24.26
CA SER A 202 5.63 -31.02 -23.47
C SER A 202 5.61 -29.60 -22.97
N GLY A 203 4.46 -28.97 -23.12
CA GLY A 203 4.33 -27.56 -22.77
C GLY A 203 4.65 -26.61 -23.92
N ALA A 204 4.94 -27.13 -25.11
CA ALA A 204 5.03 -26.32 -26.30
C ALA A 204 3.66 -25.78 -26.49
N ILE A 205 3.62 -24.66 -27.19
CA ILE A 205 2.40 -23.91 -27.48
C ILE A 205 2.18 -23.92 -29.00
N ASP A 206 1.05 -24.48 -29.44
CA ASP A 206 0.82 -24.65 -30.89
C ASP A 206 -0.51 -24.07 -31.37
N SER A 207 -1.15 -23.31 -30.48
CA SER A 207 -2.44 -22.70 -30.74
C SER A 207 -2.31 -21.50 -31.68
N THR A 208 -3.49 -21.01 -32.04
CA THR A 208 -3.64 -19.89 -32.96
C THR A 208 -4.76 -19.04 -32.49
N ASP A 209 -4.43 -17.82 -32.07
CA ASP A 209 -5.43 -16.93 -31.56
C ASP A 209 -4.93 -15.48 -31.63
N TYR A 210 -5.80 -14.51 -31.41
CA TYR A 210 -5.36 -13.09 -31.43
C TYR A 210 -4.39 -12.85 -30.24
N PRO A 211 -3.37 -11.99 -30.42
CA PRO A 211 -2.36 -11.81 -29.35
C PRO A 211 -2.94 -11.45 -27.99
N THR A 212 -4.02 -10.66 -27.99
CA THR A 212 -4.72 -10.26 -26.76
C THR A 212 -5.30 -11.41 -25.97
N GLN A 213 -5.31 -12.62 -26.52
CA GLN A 213 -5.77 -13.80 -25.78
C GLN A 213 -4.66 -14.45 -24.99
N TYR A 214 -3.42 -14.06 -25.28
CA TYR A 214 -2.25 -14.58 -24.54
C TYR A 214 -1.80 -13.62 -23.42
N ALA A 215 -1.84 -14.09 -22.18
CA ALA A 215 -1.49 -13.23 -21.04
C ALA A 215 -0.15 -12.52 -21.19
N VAL A 216 0.81 -13.19 -21.82
CA VAL A 216 2.13 -12.60 -21.98
C VAL A 216 2.05 -11.27 -22.67
N LEU A 217 1.13 -11.17 -23.64
CA LEU A 217 1.03 -9.92 -24.35
C LEU A 217 0.40 -8.89 -23.44
N ASN A 218 -0.71 -9.25 -22.82
CA ASN A 218 -1.43 -8.30 -22.02
C ASN A 218 -0.59 -7.73 -20.86
N ASN A 219 0.20 -8.60 -20.22
CA ASN A 219 1.05 -8.20 -19.08
C ASN A 219 2.20 -7.29 -19.48
N ILE A 220 2.88 -7.62 -20.59
CA ILE A 220 3.93 -6.78 -21.08
C ILE A 220 3.31 -5.42 -21.40
N LYS A 221 2.17 -5.44 -22.09
CA LYS A 221 1.48 -4.20 -22.43
C LYS A 221 1.18 -3.32 -21.22
N ALA A 222 0.69 -3.93 -20.14
CA ALA A 222 0.31 -3.20 -18.92
C ALA A 222 1.51 -2.62 -18.17
N MET A 223 2.70 -3.16 -18.43
CA MET A 223 3.95 -2.65 -17.83
C MET A 223 4.30 -1.25 -18.26
N ILE A 224 3.94 -0.92 -19.49
CA ILE A 224 4.45 0.31 -20.09
C ILE A 224 3.88 1.55 -19.43
N PRO A 225 2.54 1.65 -19.28
CA PRO A 225 1.99 2.79 -18.59
C PRO A 225 2.46 2.91 -17.15
N ILE A 226 2.70 1.78 -16.50
CA ILE A 226 3.25 1.84 -15.14
C ILE A 226 4.62 2.51 -15.10
N LEU A 227 5.50 2.10 -16.00
CA LEU A 227 6.83 2.68 -16.01
C LEU A 227 6.83 4.13 -16.46
N GLN A 228 5.87 4.50 -17.31
CA GLN A 228 5.75 5.89 -17.71
C GLN A 228 5.39 6.74 -16.49
N GLN A 229 4.52 6.24 -15.61
CA GLN A 229 4.24 6.98 -14.39
C GLN A 229 5.46 7.06 -13.51
N ALA A 230 6.19 5.95 -13.42
CA ALA A 230 7.38 5.88 -12.56
C ALA A 230 8.50 6.79 -13.04
N VAL A 231 8.62 6.90 -14.36
CA VAL A 231 9.61 7.80 -14.93
C VAL A 231 9.31 9.26 -14.57
N THR A 232 8.05 9.68 -14.72
CA THR A 232 7.59 11.03 -14.32
C THR A 232 7.78 11.31 -12.83
N LEU A 233 7.40 10.33 -12.01
CA LEU A 233 7.52 10.51 -10.61
C LEU A 233 9.00 10.66 -10.25
N SER A 234 9.85 9.90 -10.92
CA SER A 234 11.28 9.89 -10.66
C SER A 234 11.97 11.20 -10.97
N GLN A 235 11.43 11.88 -11.99
CA GLN A 235 11.98 13.14 -12.43
C GLN A 235 11.62 14.24 -11.44
N SER A 236 10.34 14.32 -11.07
CA SER A 236 9.89 15.35 -10.15
C SER A 236 10.56 15.19 -8.77
N ASN A 237 10.71 13.96 -8.28
CA ASN A 237 11.51 13.72 -7.05
C ASN A 237 12.90 14.34 -7.02
N HIS A 238 13.58 14.40 -8.15
CA HIS A 238 14.91 15.01 -8.21
C HIS A 238 14.88 16.52 -7.91
N THR A 239 13.76 17.16 -8.26
CA THR A 239 13.54 18.57 -7.99
C THR A 239 13.22 18.77 -6.51
N LEU A 240 12.21 18.05 -6.03
CA LEU A 240 11.83 18.07 -4.61
C LEU A 240 13.06 17.92 -3.71
N SER A 241 13.94 16.99 -4.09
CA SER A 241 15.21 16.69 -3.39
C SER A 241 16.15 17.88 -3.20
N ALA A 242 16.06 18.87 -4.09
CA ALA A 242 16.93 20.06 -4.05
C ALA A 242 16.56 21.06 -2.96
N SER A 243 15.28 21.10 -2.57
CA SER A 243 14.78 22.01 -1.53
C SER A 243 14.86 21.47 -0.08
N LEU A 244 15.43 20.27 0.09
CA LEU A 244 15.59 19.58 1.40
C LEU A 244 17.07 19.40 1.75
N GLN A 245 17.59 20.03 2.79
CA GLN A 245 18.99 19.73 3.22
C GLN A 245 19.04 19.19 4.64
N ALA A 246 20.13 18.46 4.94
CA ALA A 246 20.40 17.93 6.29
C ALA A 246 20.44 19.06 7.32
N GLN A 247 19.70 18.88 8.41
CA GLN A 247 19.61 19.88 9.47
C GLN A 247 20.92 19.76 10.32
N ALA A 248 21.53 20.88 10.76
CA ALA A 248 22.43 20.85 11.95
C ALA A 248 21.55 20.93 13.24
N THR A 249 20.25 21.17 13.01
CA THR A 249 19.19 21.36 14.00
C THR A 249 18.01 20.40 13.69
N ASN A 254 11.18 23.31 11.46
CA ASN A 254 10.54 23.85 10.27
C ASN A 254 9.29 23.00 9.89
N PRO A 255 8.06 23.55 10.09
CA PRO A 255 6.85 22.89 9.55
C PRO A 255 6.92 22.60 8.03
N LYS A 256 7.66 23.45 7.27
CA LYS A 256 7.93 23.19 5.85
C LYS A 256 8.77 21.92 5.59
N PHE A 257 9.85 21.73 6.34
CA PHE A 257 10.62 20.49 6.32
C PHE A 257 9.80 19.24 6.68
N ALA A 258 9.01 19.35 7.73
CA ALA A 258 8.27 18.19 8.19
C ALA A 258 7.35 17.72 7.09
N LYS A 259 6.68 18.63 6.40
CA LYS A 259 5.77 18.26 5.31
C LYS A 259 6.53 17.69 4.11
N ASP A 260 7.63 18.32 3.77
CA ASP A 260 8.34 17.94 2.57
C ASP A 260 9.03 16.60 2.68
N ILE A 261 9.72 16.37 3.78
CA ILE A 261 10.41 15.14 3.92
C ILE A 261 9.43 13.96 3.84
N TYR A 262 8.24 14.14 4.38
CA TYR A 262 7.28 13.06 4.39
C TYR A 262 6.72 12.76 3.01
N ALA A 263 6.40 13.82 2.29
CA ALA A 263 6.02 13.71 0.90
C ALA A 263 7.15 13.07 0.10
N PHE A 264 8.37 13.53 0.35
CA PHE A 264 9.55 13.02 -0.36
C PHE A 264 9.69 11.53 -0.11
N ALA A 265 9.61 11.13 1.14
CA ALA A 265 9.72 9.72 1.48
C ALA A 265 8.61 8.86 0.85
N GLN A 266 7.36 9.32 0.87
CA GLN A 266 6.30 8.53 0.25
C GLN A 266 6.55 8.35 -1.22
N ASN A 267 7.09 9.39 -1.82
CA ASN A 267 7.31 9.35 -3.22
C ASN A 267 8.36 8.34 -3.52
N GLN A 268 9.37 8.22 -2.65
CA GLN A 268 10.40 7.22 -2.93
C GLN A 268 9.74 5.85 -2.78
N LYS A 269 8.82 5.69 -1.85
CA LYS A 269 8.21 4.41 -1.71
C LYS A 269 7.42 4.03 -2.98
N GLN A 270 6.81 5.03 -3.63
CA GLN A 270 5.98 4.77 -4.77
C GLN A 270 6.83 4.36 -5.96
N VAL A 271 8.01 4.97 -6.08
CA VAL A 271 8.96 4.56 -7.12
C VAL A 271 9.23 3.09 -6.95
N ILE A 272 9.60 2.68 -5.74
CA ILE A 272 9.84 1.29 -5.47
C ILE A 272 8.64 0.43 -5.73
N SER A 273 7.47 0.89 -5.33
CA SER A 273 6.30 0.10 -5.52
C SER A 273 6.06 -0.15 -7.04
N TYR A 274 6.38 0.84 -7.87
CA TYR A 274 6.19 0.69 -9.34
C TYR A 274 7.09 -0.40 -9.90
N ALA A 275 8.34 -0.37 -9.46
CA ALA A 275 9.22 -1.48 -9.78
C ALA A 275 8.60 -2.81 -9.39
N GLN A 276 8.04 -2.89 -8.21
CA GLN A 276 7.43 -4.15 -7.75
C GLN A 276 6.20 -4.53 -8.62
N ASP A 277 5.46 -3.52 -9.07
CA ASP A 277 4.34 -3.78 -9.93
C ASP A 277 4.83 -4.49 -11.23
N ILE A 278 5.98 -4.07 -11.75
CA ILE A 278 6.51 -4.67 -12.95
C ILE A 278 6.91 -6.11 -12.67
N PHE A 279 7.69 -6.31 -11.62
CA PHE A 279 8.05 -7.65 -11.19
C PHE A 279 6.80 -8.53 -11.11
N ASN A 280 5.73 -8.02 -10.53
CA ASN A 280 4.53 -8.82 -10.44
C ASN A 280 3.90 -9.16 -11.80
N LEU A 281 3.99 -8.28 -12.75
CA LEU A 281 3.46 -8.58 -14.06
C LEU A 281 4.32 -9.59 -14.78
N PHE A 282 5.64 -9.64 -14.50
CA PHE A 282 6.46 -10.75 -15.03
C PHE A 282 6.14 -12.05 -14.37
N SER A 283 5.96 -11.99 -13.06
CA SER A 283 5.77 -13.20 -12.30
C SER A 283 4.49 -13.92 -12.63
N SER A 284 3.44 -13.20 -12.98
CA SER A 284 2.17 -13.89 -13.29
C SER A 284 1.99 -14.28 -14.81
N ILE A 285 3.03 -14.09 -15.63
CA ILE A 285 2.99 -14.68 -16.97
C ILE A 285 2.94 -16.18 -16.87
N PRO A 286 2.00 -16.81 -17.55
CA PRO A 286 1.99 -18.25 -17.52
C PRO A 286 3.31 -18.85 -17.90
N LYS A 287 3.68 -19.89 -17.14
CA LYS A 287 5.02 -20.48 -17.25
C LYS A 287 5.39 -20.89 -18.69
N ASP A 288 4.46 -21.53 -19.37
CA ASP A 288 4.65 -22.00 -20.72
C ASP A 288 4.97 -20.90 -21.71
N GLN A 289 4.30 -19.78 -21.58
CA GLN A 289 4.53 -18.60 -22.42
C GLN A 289 5.85 -17.92 -22.09
N TYR A 290 6.21 -17.94 -20.80
CA TYR A 290 7.43 -17.31 -20.31
C TYR A 290 8.62 -18.09 -20.84
N ARG A 291 8.49 -19.41 -21.00
CA ARG A 291 9.57 -20.18 -21.61
C ARG A 291 9.89 -19.77 -23.03
N TYR A 292 8.89 -19.31 -23.77
CA TYR A 292 9.11 -18.84 -25.13
C TYR A 292 9.70 -17.45 -25.05
N LEU A 293 9.14 -16.60 -24.20
CA LEU A 293 9.63 -15.24 -24.13
C LEU A 293 11.14 -15.18 -23.77
N GLU A 294 11.55 -15.99 -22.83
CA GLU A 294 12.87 -15.94 -22.29
C GLU A 294 13.89 -16.51 -23.25
N LYS A 295 13.42 -17.32 -24.20
CA LYS A 295 14.23 -17.80 -25.29
C LYS A 295 13.85 -17.31 -26.65
N ALA A 296 13.15 -16.20 -26.74
CA ALA A 296 12.76 -15.61 -28.01
C ALA A 296 13.94 -15.35 -28.93
N TYR A 297 15.06 -14.96 -28.37
CA TYR A 297 16.28 -14.79 -29.13
C TYR A 297 16.88 -16.04 -29.74
N LEU A 298 16.36 -17.22 -29.42
CA LEU A 298 16.79 -18.45 -30.05
C LEU A 298 15.81 -18.97 -31.13
N LYS A 299 14.80 -18.18 -31.46
CA LYS A 299 13.88 -18.51 -32.50
C LYS A 299 14.62 -18.73 -33.83
N ILE A 300 14.24 -19.78 -34.50
CA ILE A 300 14.98 -20.20 -35.69
C ILE A 300 14.13 -19.80 -36.85
N PRO A 301 14.72 -19.31 -37.94
CA PRO A 301 13.85 -18.96 -39.06
C PRO A 301 13.84 -20.16 -40.02
N ASN A 302 12.84 -20.25 -40.90
CA ASN A 302 12.98 -21.05 -42.14
C ASN A 302 14.27 -20.59 -42.83
N ALA A 303 15.30 -21.44 -42.84
CA ALA A 303 16.57 -21.16 -43.58
C ALA A 303 16.92 -22.29 -44.57
N GLU A 314 22.69 -12.52 -27.80
CA GLU A 314 22.41 -13.00 -26.43
C GLU A 314 21.54 -11.97 -25.69
N VAL A 315 20.41 -12.46 -25.19
CA VAL A 315 19.49 -11.72 -24.37
C VAL A 315 19.33 -12.49 -23.06
N ASN A 316 19.37 -11.78 -21.92
CA ASN A 316 19.12 -12.42 -20.65
C ASN A 316 18.01 -11.79 -19.82
N LEU A 317 16.77 -12.06 -20.20
CA LEU A 317 15.64 -11.55 -19.48
C LEU A 317 15.60 -12.00 -18.01
N ASN A 318 16.02 -13.24 -17.72
CA ASN A 318 15.97 -13.72 -16.35
C ASN A 318 16.88 -12.86 -15.45
N GLN A 319 18.07 -12.57 -15.91
CA GLN A 319 18.98 -11.74 -15.11
C GLN A 319 18.41 -10.33 -14.92
N GLU A 320 17.75 -9.79 -15.92
CA GLU A 320 17.16 -8.46 -15.78
C GLU A 320 15.98 -8.46 -14.79
N ILE A 321 15.21 -9.54 -14.74
CA ILE A 321 14.14 -9.61 -13.76
C ILE A 321 14.73 -9.76 -12.35
N GLN A 322 15.75 -10.61 -12.23
CA GLN A 322 16.41 -10.82 -10.97
C GLN A 322 16.88 -9.45 -10.41
N THR A 323 17.41 -8.64 -11.30
CA THR A 323 17.95 -7.35 -10.89
C THR A 323 16.83 -6.48 -10.34
N ILE A 324 15.61 -6.57 -10.90
CA ILE A 324 14.50 -5.84 -10.35
C ILE A 324 14.15 -6.31 -8.95
N GLN A 325 13.98 -7.59 -8.80
CA GLN A 325 13.72 -8.18 -7.47
C GLN A 325 14.78 -7.75 -6.45
N ASN A 326 16.06 -7.82 -6.81
CA ASN A 326 17.06 -7.44 -5.85
C ASN A 326 17.01 -5.95 -5.51
N ASN A 327 16.80 -5.11 -6.53
CA ASN A 327 16.69 -3.68 -6.30
C ASN A 327 15.60 -3.40 -5.34
N VAL A 328 14.50 -4.11 -5.47
CA VAL A 328 13.34 -3.83 -4.63
C VAL A 328 13.62 -4.09 -3.17
N SER A 329 14.25 -5.19 -2.83
CA SER A 329 14.52 -5.39 -1.44
C SER A 329 15.70 -4.53 -1.01
N TYR A 330 16.75 -4.47 -1.81
CA TYR A 330 17.96 -3.79 -1.37
C TYR A 330 17.64 -2.33 -1.01
N TYR A 331 17.04 -1.62 -1.96
CA TYR A 331 16.72 -0.24 -1.78
C TYR A 331 15.40 -0.10 -0.99
N GLY A 332 14.41 -0.90 -1.33
CA GLY A 332 13.08 -0.69 -0.81
C GLY A 332 12.92 -0.89 0.67
N ASN A 333 13.64 -1.83 1.25
CA ASN A 333 13.58 -1.96 2.72
C ASN A 333 14.18 -0.77 3.44
N ARG A 334 15.15 -0.10 2.81
CA ARG A 334 15.77 1.09 3.38
C ARG A 334 14.82 2.24 3.21
N VAL A 335 14.15 2.36 2.06
CA VAL A 335 13.24 3.45 1.91
C VAL A 335 12.09 3.34 2.90
N ASP A 336 11.60 2.13 3.21
CA ASP A 336 10.58 1.94 4.27
C ASP A 336 11.08 2.44 5.62
N ALA A 337 12.34 2.17 5.93
CA ALA A 337 12.88 2.57 7.23
C ALA A 337 12.89 4.08 7.30
N ALA A 338 13.41 4.72 6.25
CA ALA A 338 13.45 6.17 6.19
C ALA A 338 12.06 6.74 6.22
N LEU A 339 11.16 6.17 5.48
CA LEU A 339 9.78 6.62 5.51
C LEU A 339 9.28 6.63 6.94
N SER A 340 9.62 5.60 7.70
CA SER A 340 9.06 5.50 9.02
C SER A 340 9.62 6.60 9.95
N VAL A 341 10.84 7.02 9.70
CA VAL A 341 11.39 8.15 10.41
C VAL A 341 10.78 9.44 9.92
N ALA A 342 10.58 9.53 8.61
CA ALA A 342 9.94 10.75 8.09
C ALA A 342 8.54 10.90 8.62
N LYS A 343 7.84 9.81 8.87
CA LYS A 343 6.50 9.85 9.40
C LYS A 343 6.56 10.41 10.78
N ASP A 344 7.48 9.91 11.56
CA ASP A 344 7.71 10.48 12.94
C ASP A 344 8.00 11.97 12.93
N VAL A 345 8.78 12.41 11.97
CA VAL A 345 9.00 13.86 11.83
C VAL A 345 7.71 14.59 11.47
N TYR A 346 6.95 14.07 10.52
CA TYR A 346 5.68 14.68 10.14
C TYR A 346 4.71 14.69 11.32
N ASN A 347 4.72 13.65 12.12
CA ASN A 347 3.76 13.65 13.16
C ASN A 347 4.23 14.25 14.46
N LEU A 348 5.37 14.95 14.49
CA LEU A 348 5.91 15.40 15.76
C LEU A 348 4.93 16.22 16.54
N LYS A 349 4.33 17.21 15.89
CA LYS A 349 3.55 18.25 16.61
C LYS A 349 2.27 17.61 17.16
N SER A 350 1.69 16.81 16.30
CA SER A 350 0.54 16.09 16.62
C SER A 350 0.86 15.00 17.67
N ASN A 351 1.99 14.32 17.54
CA ASN A 351 2.37 13.36 18.59
C ASN A 351 2.61 13.98 19.99
N GLN A 352 3.11 15.22 20.02
CA GLN A 352 3.25 15.96 21.24
C GLN A 352 1.93 16.24 21.90
N THR A 353 0.96 16.69 21.14
CA THR A 353 -0.36 16.92 21.69
C THR A 353 -0.97 15.63 22.23
N GLU A 354 -0.83 14.56 21.46
CA GLU A 354 -1.47 13.30 21.74
C GLU A 354 -0.85 12.65 22.97
N ILE A 355 0.47 12.76 23.13
CA ILE A 355 1.08 12.16 24.31
C ILE A 355 0.65 12.88 25.56
N VAL A 356 0.47 14.20 25.45
CA VAL A 356 0.05 14.98 26.61
C VAL A 356 -1.40 14.59 26.97
N THR A 357 -2.31 14.60 25.99
CA THR A 357 -3.67 14.18 26.25
C THR A 357 -3.65 12.81 26.88
N THR A 358 -2.89 11.90 26.30
CA THR A 358 -2.86 10.54 26.77
C THR A 358 -2.29 10.41 28.19
N TYR A 359 -1.34 11.25 28.56
CA TYR A 359 -0.81 11.22 29.89
C TYR A 359 -1.86 11.66 30.86
N ASN A 360 -2.47 12.81 30.54
CA ASN A 360 -3.52 13.37 31.37
C ASN A 360 -4.67 12.39 31.56
N ASN A 361 -5.08 11.75 30.47
CA ASN A 361 -6.09 10.70 30.55
C ASN A 361 -5.67 9.60 31.46
N ALA A 362 -4.41 9.19 31.34
CA ALA A 362 -3.90 8.09 32.15
C ALA A 362 -3.85 8.48 33.61
N LYS A 363 -3.47 9.71 33.89
CA LYS A 363 -3.30 10.22 35.26
C LYS A 363 -4.67 10.31 35.98
N ASN A 364 -5.67 10.85 35.28
CA ASN A 364 -7.04 10.96 35.77
C ASN A 364 -7.70 9.63 35.95
N LEU A 365 -7.49 8.74 34.98
CA LEU A 365 -8.01 7.39 35.08
C LEU A 365 -7.40 6.62 36.27
N SER A 366 -6.09 6.74 36.47
CA SER A 366 -5.46 6.07 37.63
C SER A 366 -5.99 6.59 38.99
N GLN A 367 -6.44 7.85 39.01
CA GLN A 367 -6.99 8.43 40.20
C GLN A 367 -8.39 7.94 40.41
N GLU A 368 -9.17 7.85 39.34
CA GLU A 368 -10.50 7.27 39.45
C GLU A 368 -10.41 5.84 39.91
N ILE A 369 -9.44 5.10 39.42
CA ILE A 369 -9.22 3.73 39.87
C ILE A 369 -8.90 3.67 41.37
N SER A 370 -8.00 4.54 41.82
CA SER A 370 -7.54 4.55 43.20
C SER A 370 -8.69 4.72 44.19
N LYS A 371 -9.68 5.52 43.78
CA LYS A 371 -10.86 5.80 44.61
C LYS A 371 -11.94 4.69 44.62
N LEU A 372 -11.63 3.52 44.08
CA LEU A 372 -12.54 2.38 44.11
C LEU A 372 -12.12 1.48 45.25
N PRO A 373 -13.03 1.24 46.21
CA PRO A 373 -12.64 0.40 47.36
C PRO A 373 -12.22 -1.02 46.95
N TYR A 374 -12.89 -1.56 45.94
CA TYR A 374 -12.58 -2.91 45.48
C TYR A 374 -11.30 -2.95 44.63
N ASN A 375 -10.77 -1.78 44.27
CA ASN A 375 -9.54 -1.77 43.52
C ASN A 375 -8.45 -2.47 44.29
N GLN A 376 -7.85 -3.45 43.61
CA GLN A 376 -6.79 -4.29 44.12
C GLN A 376 -5.37 -3.79 43.73
N VAL A 377 -5.24 -3.09 42.60
CA VAL A 377 -3.91 -2.67 42.12
C VAL A 377 -3.50 -1.23 42.43
N ASN A 378 -2.30 -1.07 42.97
CA ASN A 378 -1.75 0.27 43.22
C ASN A 378 -1.31 0.97 41.95
N THR A 379 -1.88 2.14 41.73
CA THR A 379 -1.81 2.86 40.48
C THR A 379 -1.43 4.34 40.68
N LYS A 380 -1.25 4.70 41.92
CA LYS A 380 -0.80 6.02 42.26
C LYS A 380 0.55 6.32 41.59
N ASP A 381 0.59 7.42 40.83
CA ASP A 381 1.80 7.83 40.16
C ASP A 381 2.39 6.72 39.23
N ILE A 382 1.53 5.87 38.68
CA ILE A 382 2.00 4.86 37.74
C ILE A 382 2.66 5.52 36.52
N ILE A 383 2.19 6.70 36.17
CA ILE A 383 2.85 7.52 35.18
C ILE A 383 3.07 8.93 35.71
N THR A 384 4.25 9.44 35.42
CA THR A 384 4.77 10.64 35.99
C THR A 384 5.64 11.37 35.03
N LEU A 385 5.87 12.65 35.27
CA LEU A 385 6.78 13.44 34.45
C LEU A 385 7.85 14.05 35.35
N PRO A 386 9.01 13.43 35.37
CA PRO A 386 10.09 13.84 36.23
C PRO A 386 10.49 15.31 36.10
N TYR A 387 10.75 15.90 37.24
CA TYR A 387 10.89 17.33 37.41
C TYR A 387 12.02 17.57 38.39
N ASP A 388 12.77 18.63 38.13
CA ASP A 388 13.96 18.98 38.89
C ASP A 388 13.94 20.44 39.18
N GLN A 389 13.22 20.78 40.22
CA GLN A 389 13.23 22.09 40.86
C GLN A 389 12.49 23.14 40.07
N ASN A 390 12.86 23.33 38.83
CA ASN A 390 12.19 24.38 38.03
C ASN A 390 12.02 24.08 36.60
N ALA A 391 12.09 22.81 36.26
CA ALA A 391 12.00 22.36 34.88
C ALA A 391 11.88 20.84 34.88
N PRO A 392 11.33 20.27 33.80
CA PRO A 392 11.34 18.83 33.62
C PRO A 392 12.76 18.35 33.69
N ALA A 393 12.97 17.16 34.27
CA ALA A 393 14.34 16.66 34.54
C ALA A 393 15.04 16.18 33.26
N ALA A 394 14.28 15.63 32.30
CA ALA A 394 14.87 15.03 31.10
C ALA A 394 13.93 15.07 29.89
N GLY A 395 13.40 16.25 29.60
CA GLY A 395 12.46 16.44 28.53
C GLY A 395 11.00 16.55 28.99
N GLN A 396 10.32 17.45 28.32
CA GLN A 396 8.91 17.67 28.44
C GLN A 396 7.97 16.46 28.21
N TYR A 397 8.44 15.53 27.40
CA TYR A 397 7.58 14.44 26.93
C TYR A 397 8.06 13.07 27.43
N ASN A 398 9.11 13.05 28.26
CA ASN A 398 9.74 11.85 28.67
C ASN A 398 9.07 11.25 29.90
N TYR A 399 7.83 10.84 29.75
CA TYR A 399 7.05 10.33 30.89
C TYR A 399 7.66 9.06 31.42
N GLN A 400 7.62 8.85 32.73
CA GLN A 400 8.10 7.57 33.31
C GLN A 400 6.94 6.79 33.75
N ILE A 401 6.90 5.58 33.24
CA ILE A 401 5.93 4.60 33.67
C ILE A 401 6.61 3.64 34.62
N ASN A 402 6.06 3.55 35.81
CA ASN A 402 6.56 2.64 36.82
C ASN A 402 6.42 1.18 36.40
N PRO A 403 7.52 0.47 36.25
CA PRO A 403 7.39 -0.89 35.70
C PRO A 403 6.80 -1.95 36.65
N GLU A 404 7.02 -1.84 37.97
CA GLU A 404 6.37 -2.77 38.95
C GLU A 404 4.87 -2.65 38.82
N GLN A 405 4.38 -1.42 38.87
CA GLN A 405 2.96 -1.17 38.88
C GLN A 405 2.34 -1.54 37.53
N GLN A 406 3.09 -1.37 36.45
CA GLN A 406 2.59 -1.74 35.14
C GLN A 406 2.55 -3.25 35.03
N SER A 407 3.59 -3.91 35.50
CA SER A 407 3.61 -5.37 35.59
C SER A 407 2.42 -5.88 36.39
N ASN A 408 2.22 -5.32 37.59
CA ASN A 408 1.06 -5.65 38.42
C ASN A 408 -0.24 -5.52 37.64
N LEU A 409 -0.41 -4.40 36.96
CA LEU A 409 -1.62 -4.11 36.22
C LEU A 409 -1.84 -5.16 35.16
N SER A 410 -0.78 -5.54 34.46
CA SER A 410 -0.90 -6.56 33.44
C SER A 410 -1.26 -7.94 33.98
N GLN A 411 -0.60 -8.32 35.07
CA GLN A 411 -0.88 -9.56 35.76
C GLN A 411 -2.33 -9.61 36.22
N ALA A 412 -2.87 -8.50 36.73
CA ALA A 412 -4.30 -8.42 37.09
C ALA A 412 -5.26 -8.52 35.89
N LEU A 413 -4.90 -7.91 34.78
CA LEU A 413 -5.66 -8.06 33.57
C LEU A 413 -5.70 -9.54 33.10
N ALA A 414 -4.56 -10.24 33.25
CA ALA A 414 -4.40 -11.64 32.79
C ALA A 414 -5.16 -12.64 33.68
N ALA A 415 -5.11 -12.38 34.99
CA ALA A 415 -5.92 -13.06 35.98
C ALA A 415 -7.41 -12.88 35.72
N MET A 416 -7.80 -11.67 35.33
CA MET A 416 -9.17 -11.42 34.90
C MET A 416 -9.55 -12.07 33.55
N SER A 417 -8.56 -12.53 32.77
CA SER A 417 -8.70 -13.36 31.51
C SER A 417 -10.11 -13.46 30.88
N ASN B 1 40.08 12.82 -20.26
CA ASN B 1 39.94 13.61 -19.00
C ASN B 1 38.49 13.74 -18.61
N THR B 2 37.59 14.18 -19.50
CA THR B 2 36.14 14.17 -19.17
C THR B 2 35.64 12.74 -18.83
N GLY B 3 36.02 11.72 -19.62
CA GLY B 3 35.79 10.31 -19.28
C GLY B 3 36.39 9.88 -17.94
N GLU B 4 37.52 10.49 -17.55
CA GLU B 4 38.08 10.32 -16.20
C GLU B 4 37.14 10.84 -15.11
N LEU B 5 36.63 12.06 -15.29
CA LEU B 5 35.75 12.68 -14.30
C LEU B 5 34.50 11.85 -14.16
N LYS B 6 33.91 11.43 -15.28
CA LYS B 6 32.70 10.62 -15.24
C LYS B 6 32.90 9.35 -14.42
N ASN B 7 34.03 8.70 -14.66
CA ASN B 7 34.37 7.48 -13.94
C ASN B 7 34.43 7.75 -12.44
N LEU B 8 35.08 8.85 -12.08
CA LEU B 8 35.29 9.23 -10.70
C LEU B 8 33.97 9.60 -10.01
N ASN B 9 33.12 10.27 -10.77
CA ASN B 9 31.84 10.73 -10.30
C ASN B 9 30.89 9.58 -10.02
N GLU B 10 30.98 8.50 -10.80
CA GLU B 10 30.03 7.39 -10.66
C GLU B 10 30.55 6.40 -9.61
N LYS B 11 31.87 6.33 -9.48
CA LYS B 11 32.49 5.62 -8.38
C LYS B 11 32.20 6.34 -7.05
N TYR B 12 32.25 7.68 -7.08
CA TYR B 12 31.93 8.47 -5.90
C TYR B 12 30.49 8.28 -5.52
N GLU B 13 29.59 8.36 -6.49
CA GLU B 13 28.16 8.22 -6.22
C GLU B 13 27.84 6.82 -5.65
N GLN B 14 28.58 5.82 -6.07
CA GLN B 14 28.33 4.47 -5.68
C GLN B 14 28.85 4.19 -4.26
N LEU B 15 29.99 4.76 -3.92
CA LEU B 15 30.53 4.58 -2.59
C LEU B 15 29.62 5.28 -1.56
N SER B 16 29.20 6.47 -1.93
CA SER B 16 28.29 7.24 -1.14
C SER B 16 26.98 6.49 -0.91
N GLN B 17 26.50 5.78 -1.94
CA GLN B 17 25.36 4.91 -1.74
C GLN B 17 25.68 3.82 -0.75
N TYR B 18 26.79 3.14 -0.93
CA TYR B 18 27.10 2.04 -0.02
C TYR B 18 27.15 2.49 1.46
N LEU B 19 27.66 3.70 1.66
CA LEU B 19 27.75 4.27 3.00
C LEU B 19 26.40 4.62 3.56
N ASN B 20 25.49 5.09 2.73
CA ASN B 20 24.17 5.37 3.23
C ASN B 20 23.48 4.11 3.61
N GLN B 21 23.69 3.05 2.83
CA GLN B 21 23.08 1.73 3.14
C GLN B 21 23.59 1.21 4.42
N VAL B 22 24.89 1.26 4.60
CA VAL B 22 25.41 0.74 5.85
C VAL B 22 24.78 1.47 7.06
N ALA B 23 24.71 2.80 7.00
CA ALA B 23 24.09 3.58 8.08
C ALA B 23 22.67 3.17 8.41
N SER B 24 21.92 2.87 7.36
CA SER B 24 20.53 2.55 7.49
C SER B 24 20.41 1.16 8.02
N LEU B 25 21.19 0.25 7.47
CA LEU B 25 21.27 -1.13 8.02
C LEU B 25 21.66 -1.20 9.51
N LYS B 26 22.57 -0.34 9.96
CA LYS B 26 22.94 -0.36 11.37
C LYS B 26 21.74 -0.08 12.22
N GLN B 27 20.99 0.92 11.83
CA GLN B 27 19.84 1.29 12.60
C GLN B 27 18.85 0.14 12.65
N SER B 28 18.68 -0.58 11.52
CA SER B 28 17.74 -1.69 11.51
C SER B 28 18.23 -2.82 12.35
N ILE B 29 19.52 -3.10 12.27
CA ILE B 29 20.08 -4.14 13.08
C ILE B 29 19.96 -3.77 14.59
N GLN B 30 20.19 -2.51 14.94
CA GLN B 30 20.14 -2.09 16.34
C GLN B 30 18.76 -2.26 16.92
N ASN B 31 17.77 -1.82 16.16
CA ASN B 31 16.40 -1.97 16.52
C ASN B 31 16.03 -3.40 16.82
N ALA B 32 16.38 -4.29 15.91
CA ALA B 32 16.06 -5.68 16.10
C ALA B 32 16.68 -6.24 17.39
N ASN B 33 17.87 -5.76 17.75
CA ASN B 33 18.59 -6.24 18.95
C ASN B 33 18.20 -5.42 20.19
N ASN B 34 17.31 -4.45 20.00
CA ASN B 34 16.88 -3.60 21.08
C ASN B 34 15.68 -4.21 21.74
N ILE B 35 15.95 -4.96 22.79
CA ILE B 35 14.93 -5.86 23.29
C ILE B 35 13.76 -5.07 23.90
N GLU B 36 14.03 -3.92 24.50
CA GLU B 36 12.97 -3.15 25.13
C GLU B 36 12.05 -2.57 24.02
N LEU B 37 12.65 -2.08 22.96
CA LEU B 37 11.88 -1.56 21.88
C LEU B 37 11.03 -2.67 21.23
N VAL B 38 11.62 -3.83 21.04
CA VAL B 38 10.88 -4.96 20.47
C VAL B 38 9.71 -5.42 21.37
N ASN B 39 9.93 -5.55 22.68
CA ASN B 39 8.85 -5.97 23.59
C ASN B 39 7.72 -4.96 23.67
N SER B 40 8.10 -3.71 23.57
CA SER B 40 7.23 -2.58 23.59
C SER B 40 6.29 -2.61 22.42
N SER B 41 6.85 -2.76 21.26
CA SER B 41 6.14 -2.92 20.04
C SER B 41 5.16 -4.07 20.09
N LEU B 42 5.64 -5.21 20.57
CA LEU B 42 4.83 -6.39 20.70
C LEU B 42 3.69 -6.13 21.70
N ASN B 43 4.02 -5.54 22.83
CA ASN B 43 2.95 -5.23 23.79
C ASN B 43 1.89 -4.32 23.22
N TYR B 44 2.34 -3.40 22.39
CA TYR B 44 1.43 -2.48 21.81
C TYR B 44 0.44 -3.25 20.96
N LEU B 45 0.96 -4.15 20.16
CA LEU B 45 0.13 -4.91 19.25
C LEU B 45 -0.83 -5.83 20.00
N LYS B 46 -0.37 -6.43 21.08
CA LYS B 46 -1.25 -7.27 21.89
C LYS B 46 -2.35 -6.45 22.54
N SER B 47 -1.96 -5.30 23.08
CA SER B 47 -2.89 -4.36 23.67
C SER B 47 -3.94 -3.96 22.64
N PHE B 48 -3.47 -3.62 21.45
CA PHE B 48 -4.37 -3.25 20.39
C PHE B 48 -5.32 -4.38 20.00
N THR B 49 -4.81 -5.58 19.83
CA THR B 49 -5.67 -6.74 19.58
C THR B 49 -6.78 -6.94 20.63
N ASN B 50 -6.42 -6.80 21.91
CA ASN B 50 -7.41 -7.02 22.96
C ASN B 50 -8.52 -5.97 22.92
N ASN B 51 -8.15 -4.70 22.81
CA ASN B 51 -9.12 -3.62 22.73
C ASN B 51 -10.02 -3.80 21.55
N ASN B 52 -9.42 -4.11 20.44
CA ASN B 52 -10.23 -4.27 19.27
C ASN B 52 -11.29 -5.38 19.42
N TYR B 53 -10.93 -6.41 20.19
CA TYR B 53 -11.66 -7.64 20.29
C TYR B 53 -12.70 -7.62 21.42
N ASN B 54 -12.40 -6.95 22.50
CA ASN B 54 -13.25 -6.92 23.69
C ASN B 54 -14.02 -5.66 23.96
N SER B 55 -13.63 -4.54 23.38
CA SER B 55 -14.27 -3.28 23.73
C SER B 55 -15.43 -2.98 22.78
N THR B 56 -16.41 -2.27 23.34
CA THR B 56 -17.55 -1.72 22.55
C THR B 56 -17.11 -0.28 22.21
N THR B 57 -16.75 0.47 23.22
CA THR B 57 -16.33 1.88 23.00
C THR B 57 -14.97 2.18 22.27
N GLN B 58 -13.96 1.30 22.41
CA GLN B 58 -12.57 1.54 22.00
C GLN B 58 -12.04 0.61 20.92
N SER B 59 -12.90 -0.22 20.33
CA SER B 59 -12.53 -1.09 19.24
C SER B 59 -12.72 -0.39 17.88
N PRO B 60 -11.63 -0.17 17.14
CA PRO B 60 -11.80 0.42 15.82
C PRO B 60 -12.79 -0.35 14.94
N ILE B 61 -12.72 -1.66 14.94
CA ILE B 61 -13.67 -2.42 14.12
C ILE B 61 -15.11 -2.33 14.67
N PHE B 62 -15.29 -2.36 15.99
CA PHE B 62 -16.61 -2.17 16.54
C PHE B 62 -17.17 -0.84 16.07
N ASN B 63 -16.37 0.22 16.18
CA ASN B 63 -16.85 1.56 15.86
C ASN B 63 -17.16 1.73 14.35
N ALA B 64 -16.33 1.12 13.54
CA ALA B 64 -16.60 1.07 12.13
C ALA B 64 -17.93 0.34 11.85
N VAL B 65 -18.23 -0.74 12.56
CA VAL B 65 -19.52 -1.42 12.38
C VAL B 65 -20.68 -0.53 12.73
N GLN B 66 -20.63 0.08 13.91
CA GLN B 66 -21.56 1.09 14.30
C GLN B 66 -21.91 2.06 13.16
N ALA B 67 -20.89 2.68 12.59
CA ALA B 67 -21.11 3.70 11.61
C ALA B 67 -21.75 3.10 10.36
N VAL B 68 -21.31 1.90 9.97
CA VAL B 68 -21.87 1.24 8.76
C VAL B 68 -23.33 0.82 9.00
N ILE B 69 -23.63 0.27 10.17
CA ILE B 69 -25.02 -0.08 10.47
C ILE B 69 -25.87 1.16 10.49
N THR B 70 -25.44 2.17 11.22
CA THR B 70 -26.17 3.44 11.22
C THR B 70 -26.47 3.91 9.77
N SER B 71 -25.45 3.85 8.94
CA SER B 71 -25.57 4.36 7.60
C SER B 71 -26.52 3.48 6.76
N VAL B 72 -26.57 2.18 7.07
CA VAL B 72 -27.48 1.25 6.38
C VAL B 72 -28.92 1.56 6.74
N LEU B 73 -29.18 1.72 8.04
CA LEU B 73 -30.48 2.17 8.50
C LEU B 73 -30.86 3.54 7.94
N GLY B 74 -29.88 4.39 7.72
CA GLY B 74 -30.15 5.73 7.22
C GLY B 74 -30.58 5.66 5.78
N PHE B 75 -29.89 4.85 4.99
CA PHE B 75 -30.31 4.70 3.62
C PHE B 75 -31.69 4.08 3.57
N TRP B 76 -31.94 3.09 4.40
CA TRP B 76 -33.25 2.50 4.44
C TRP B 76 -34.29 3.56 4.73
N SER B 77 -34.02 4.39 5.70
CA SER B 77 -35.00 5.41 6.07
C SER B 77 -35.23 6.40 4.88
N LEU B 78 -34.20 6.69 4.11
CA LEU B 78 -34.36 7.51 2.93
C LEU B 78 -35.19 6.85 1.88
N TYR B 79 -34.81 5.61 1.57
CA TYR B 79 -35.39 4.81 0.49
C TYR B 79 -36.84 4.45 0.75
N ALA B 80 -37.10 4.04 1.98
CA ALA B 80 -38.39 3.58 2.40
C ALA B 80 -38.74 4.36 3.65
N GLY B 81 -38.39 3.83 4.84
CA GLY B 81 -38.70 4.50 6.09
C GLY B 81 -40.18 4.76 6.26
N ASN B 82 -40.52 6.03 6.50
CA ASN B 82 -41.89 6.45 6.82
C ASN B 82 -42.65 7.07 5.63
N TYR B 83 -42.10 6.94 4.42
CA TYR B 83 -42.68 7.52 3.23
C TYR B 83 -41.92 6.98 2.03
N LEU B 84 -42.43 5.89 1.50
CA LEU B 84 -41.75 5.15 0.44
C LEU B 84 -41.37 6.01 -0.79
N THR B 85 -40.20 5.75 -1.36
CA THR B 85 -39.79 6.41 -2.61
C THR B 85 -40.11 5.55 -3.80
N PHE B 86 -40.93 4.53 -3.60
CA PHE B 86 -41.44 3.65 -4.66
C PHE B 86 -42.89 3.31 -4.26
N PHE B 87 -43.59 2.66 -5.16
CA PHE B 87 -44.99 2.36 -4.93
C PHE B 87 -45.16 0.86 -4.77
N VAL B 88 -45.74 0.44 -3.67
CA VAL B 88 -45.90 -1.02 -3.41
C VAL B 88 -47.33 -1.57 -3.71
N VAL B 89 -47.39 -2.78 -4.29
CA VAL B 89 -48.59 -3.36 -4.93
C VAL B 89 -48.76 -4.88 -4.69
N ASN B 90 -49.82 -5.52 -5.22
CA ASN B 90 -50.23 -6.94 -4.95
C ASN B 90 -50.28 -7.84 -6.20
N PRO B 96 -52.34 -1.66 -5.65
CA PRO B 96 -51.81 -1.05 -4.42
C PRO B 96 -51.94 -1.89 -3.13
N ALA B 97 -51.02 -1.67 -2.18
CA ALA B 97 -50.98 -2.36 -0.88
C ALA B 97 -51.33 -1.51 0.36
N SER B 98 -51.85 -2.17 1.41
CA SER B 98 -52.26 -1.51 2.66
C SER B 98 -51.13 -1.03 3.59
N VAL B 99 -49.87 -1.30 3.23
CA VAL B 99 -48.69 -0.96 4.09
C VAL B 99 -48.47 0.53 4.35
N GLN B 100 -47.99 0.80 5.57
CA GLN B 100 -47.76 2.16 6.07
C GLN B 100 -46.60 2.81 5.31
N GLY B 101 -46.83 4.06 4.89
CA GLY B 101 -45.85 4.87 4.20
C GLY B 101 -45.99 4.89 2.69
N ASN B 102 -46.88 4.06 2.14
CA ASN B 102 -47.06 3.99 0.70
C ASN B 102 -47.47 5.38 0.17
N PRO B 103 -46.78 5.91 -0.84
CA PRO B 103 -47.17 7.24 -1.33
C PRO B 103 -48.36 7.18 -2.25
N PRO B 104 -48.98 8.35 -2.52
CA PRO B 104 -50.05 8.41 -3.51
C PRO B 104 -49.56 8.07 -4.92
N PHE B 105 -50.40 7.47 -5.74
CA PHE B 105 -49.98 7.02 -7.05
C PHE B 105 -49.54 8.17 -7.99
N SER B 106 -50.04 9.38 -7.72
CA SER B 106 -49.66 10.61 -8.44
C SER B 106 -48.16 10.80 -8.48
N THR B 107 -47.54 10.50 -7.34
CA THR B 107 -46.10 10.27 -7.25
C THR B 107 -45.46 9.64 -8.50
N ILE B 108 -46.05 8.53 -8.96
CA ILE B 108 -45.53 7.78 -10.09
C ILE B 108 -45.70 8.58 -11.37
N VAL B 109 -46.85 9.24 -11.51
CA VAL B 109 -47.15 10.03 -12.72
C VAL B 109 -46.14 11.17 -12.79
N GLN B 110 -46.07 11.94 -11.69
CA GLN B 110 -45.20 13.11 -11.57
C GLN B 110 -43.73 12.74 -11.61
N ASN B 111 -43.28 11.83 -10.76
CA ASN B 111 -41.82 11.62 -10.64
C ASN B 111 -41.23 10.42 -11.33
N CYS B 112 -42.06 9.48 -11.80
CA CYS B 112 -41.56 8.28 -12.48
C CYS B 112 -42.05 8.19 -13.94
N SER B 113 -42.16 9.34 -14.59
CA SER B 113 -42.58 9.44 -15.97
C SER B 113 -41.31 9.26 -16.78
N GLY B 114 -40.86 8.02 -16.87
CA GLY B 114 -39.75 7.73 -17.74
C GLY B 114 -39.62 6.25 -17.93
N ILE B 115 -38.61 5.91 -18.72
CA ILE B 115 -38.24 4.52 -19.07
C ILE B 115 -38.16 3.52 -17.90
N GLU B 116 -38.10 4.00 -16.65
CA GLU B 116 -37.90 3.15 -15.47
C GLU B 116 -39.21 2.75 -14.77
N ASN B 117 -39.09 1.68 -14.00
CA ASN B 117 -40.16 1.14 -13.14
C ASN B 117 -39.98 1.48 -11.64
N CYS B 118 -40.98 2.13 -11.04
CA CYS B 118 -40.92 2.54 -9.62
C CYS B 118 -41.92 1.81 -8.73
N ALA B 119 -42.34 0.63 -9.16
CA ALA B 119 -43.32 -0.15 -8.41
C ALA B 119 -42.60 -1.34 -7.82
N MET B 120 -43.16 -1.86 -6.73
CA MET B 120 -42.55 -2.99 -6.04
C MET B 120 -43.61 -3.95 -5.57
N ASN B 121 -43.37 -5.24 -5.76
CA ASN B 121 -44.25 -6.24 -5.22
C ASN B 121 -44.25 -6.23 -3.69
N GLN B 122 -45.42 -6.28 -3.06
CA GLN B 122 -45.54 -6.35 -1.58
C GLN B 122 -44.71 -7.48 -0.94
N THR B 123 -44.72 -8.65 -1.57
CA THR B 123 -43.81 -9.77 -1.19
C THR B 123 -42.41 -9.24 -0.89
N THR B 124 -41.79 -8.67 -1.93
CA THR B 124 -40.43 -8.20 -1.86
C THR B 124 -40.27 -7.14 -0.74
N TYR B 125 -41.21 -6.19 -0.65
CA TYR B 125 -41.11 -5.09 0.32
C TYR B 125 -41.18 -5.58 1.75
N ASP B 126 -42.03 -6.57 2.02
CA ASP B 126 -42.25 -7.01 3.39
C ASP B 126 -40.95 -7.69 3.95
N LYS B 127 -40.18 -8.37 3.10
CA LYS B 127 -38.92 -9.01 3.53
C LYS B 127 -37.88 -7.94 3.84
N MET B 128 -37.74 -6.97 2.93
CA MET B 128 -36.96 -5.74 3.16
C MET B 128 -37.29 -5.12 4.52
N LYS B 129 -38.56 -4.84 4.75
CA LYS B 129 -38.99 -4.16 5.96
C LYS B 129 -38.67 -4.98 7.23
N LYS B 130 -38.86 -6.30 7.12
CA LYS B 130 -38.57 -7.20 8.24
C LYS B 130 -37.07 -7.22 8.57
N LEU B 131 -36.23 -7.32 7.54
CA LEU B 131 -34.78 -7.22 7.69
C LEU B 131 -34.39 -5.92 8.38
N ALA B 132 -34.98 -4.81 7.96
CA ALA B 132 -34.66 -3.49 8.51
C ALA B 132 -35.05 -3.37 9.97
N GLU B 133 -36.19 -3.94 10.33
CA GLU B 133 -36.66 -3.93 11.72
C GLU B 133 -35.76 -4.75 12.61
N ASP B 134 -35.25 -5.85 12.06
CA ASP B 134 -34.34 -6.73 12.79
C ASP B 134 -33.00 -6.04 13.04
N LEU B 135 -32.49 -5.43 11.99
CA LEU B 135 -31.24 -4.73 12.06
C LEU B 135 -31.32 -3.54 13.02
N GLN B 136 -32.46 -2.87 13.04
CA GLN B 136 -32.69 -1.80 14.01
C GLN B 136 -32.58 -2.32 15.44
N ALA B 137 -33.33 -3.39 15.71
CA ALA B 137 -33.31 -4.08 17.03
C ALA B 137 -31.92 -4.60 17.42
N ALA B 138 -31.19 -5.12 16.44
CA ALA B 138 -29.83 -5.57 16.62
C ALA B 138 -28.88 -4.44 17.00
N GLN B 139 -29.09 -3.23 16.47
CA GLN B 139 -28.30 -2.07 16.87
C GLN B 139 -28.62 -1.56 18.26
N GLN B 140 -29.89 -1.56 18.61
CA GLN B 140 -30.33 -0.84 19.78
C GLN B 140 -31.53 -1.46 20.44
N ASN B 141 -31.55 -1.43 21.76
CA ASN B 141 -32.75 -1.74 22.51
C ASN B 141 -33.77 -0.58 22.39
N ALA B 142 -34.92 -0.84 21.79
CA ALA B 142 -35.91 0.24 21.53
C ALA B 142 -36.34 1.00 22.82
N THR B 143 -36.51 0.27 23.94
CA THR B 143 -36.91 0.86 25.24
C THR B 143 -35.79 1.70 25.84
N THR B 144 -34.66 1.07 26.19
CA THR B 144 -33.51 1.78 26.83
C THR B 144 -32.82 2.79 25.87
N LYS B 145 -32.95 2.57 24.56
CA LYS B 145 -32.18 3.31 23.56
C LYS B 145 -30.70 3.22 23.92
N ALA B 146 -30.20 2.00 24.13
CA ALA B 146 -28.79 1.76 24.36
C ALA B 146 -28.29 0.62 23.47
N ASN B 147 -26.98 0.59 23.28
CA ASN B 147 -26.36 -0.34 22.35
C ASN B 147 -26.70 -1.82 22.57
N ASN B 148 -26.94 -2.53 21.47
CA ASN B 148 -27.26 -3.96 21.54
C ASN B 148 -26.33 -4.90 20.75
N LEU B 149 -25.27 -4.33 20.17
CA LEU B 149 -24.25 -5.10 19.49
C LEU B 149 -23.20 -5.49 20.52
N CYS B 150 -22.81 -6.75 20.51
CA CYS B 150 -21.79 -7.24 21.44
C CYS B 150 -20.42 -6.93 20.94
N ALA B 151 -19.46 -6.88 21.86
CA ALA B 151 -18.08 -6.87 21.49
C ALA B 151 -17.80 -8.04 20.54
N LEU B 152 -16.76 -7.95 19.72
CA LEU B 152 -16.44 -8.98 18.75
C LEU B 152 -16.16 -10.32 19.40
N SER B 153 -15.78 -10.28 20.69
CA SER B 153 -15.53 -11.48 21.48
C SER B 153 -16.75 -12.35 21.77
N GLY B 154 -17.96 -11.80 21.64
CA GLY B 154 -19.24 -12.54 21.71
C GLY B 154 -20.13 -11.95 22.79
N CYS B 155 -21.26 -12.60 23.09
CA CYS B 155 -22.26 -11.99 23.97
C CYS B 155 -22.15 -12.50 25.42
N ALA B 156 -22.76 -11.81 26.37
CA ALA B 156 -22.60 -12.13 27.81
C ALA B 156 -23.67 -13.16 28.23
N PRO B 163 -26.70 -6.80 25.88
CA PRO B 163 -26.55 -6.63 24.43
C PRO B 163 -26.63 -8.00 23.85
N SER B 164 -27.50 -8.22 22.88
CA SER B 164 -27.86 -9.59 22.45
C SER B 164 -27.63 -9.89 20.97
N SER B 165 -27.02 -8.97 20.22
CA SER B 165 -26.68 -9.28 18.83
C SER B 165 -25.16 -9.32 18.56
N THR B 166 -24.70 -10.39 17.93
CA THR B 166 -23.33 -10.43 17.40
C THR B 166 -23.25 -9.39 16.28
N VAL B 167 -22.04 -8.90 16.00
CA VAL B 167 -21.86 -7.97 14.90
C VAL B 167 -21.95 -8.72 13.57
N SER B 168 -21.57 -10.00 13.56
CA SER B 168 -21.68 -10.78 12.34
C SER B 168 -23.11 -10.90 11.89
N ASN B 169 -23.99 -11.11 12.88
CA ASN B 169 -25.44 -11.12 12.67
C ASN B 169 -25.94 -9.83 12.01
N ALA B 170 -25.68 -8.71 12.68
CA ALA B 170 -26.01 -7.38 12.15
C ALA B 170 -25.45 -7.16 10.76
N LEU B 171 -24.21 -7.53 10.56
CA LEU B 171 -23.63 -7.41 9.23
C LEU B 171 -24.33 -8.29 8.19
N ASN B 172 -24.77 -9.48 8.61
CA ASN B 172 -25.43 -10.41 7.71
C ASN B 172 -26.82 -9.85 7.36
N LEU B 173 -27.50 -9.30 8.38
CA LEU B 173 -28.75 -8.61 8.16
C LEU B 173 -28.55 -7.49 7.14
N ALA B 174 -27.61 -6.57 7.40
CA ALA B 174 -27.29 -5.51 6.49
C ALA B 174 -26.96 -6.00 5.08
N GLN B 175 -26.19 -7.07 4.98
CA GLN B 175 -25.80 -7.66 3.69
C GLN B 175 -27.01 -8.09 2.89
N GLN B 176 -27.96 -8.72 3.59
CA GLN B 176 -29.16 -9.21 2.94
C GLN B 176 -30.02 -8.06 2.43
N LEU B 177 -30.21 -7.07 3.29
CA LEU B 177 -31.07 -5.92 3.00
C LEU B 177 -30.60 -5.11 1.81
N MET B 178 -29.30 -4.95 1.67
CA MET B 178 -28.72 -4.14 0.59
C MET B 178 -28.61 -4.94 -0.70
N ASP B 179 -28.35 -6.24 -0.61
CA ASP B 179 -28.40 -7.11 -1.81
C ASP B 179 -29.80 -7.07 -2.40
N LEU B 180 -30.79 -7.12 -1.51
CA LEU B 180 -32.17 -7.13 -1.92
C LEU B 180 -32.55 -5.83 -2.59
N ILE B 181 -32.19 -4.71 -1.97
CA ILE B 181 -32.42 -3.40 -2.57
C ILE B 181 -31.75 -3.29 -3.94
N ALA B 182 -30.48 -3.66 -4.02
CA ALA B 182 -29.72 -3.58 -5.28
C ALA B 182 -30.27 -4.47 -6.41
N ASN B 183 -30.78 -5.65 -6.03
CA ASN B 183 -31.24 -6.61 -7.02
C ASN B 183 -32.63 -6.31 -7.52
N THR B 184 -33.45 -5.80 -6.62
CA THR B 184 -34.82 -5.50 -6.93
C THR B 184 -34.91 -4.36 -7.92
N LYS B 185 -35.74 -4.59 -8.93
CA LYS B 185 -35.73 -3.81 -10.14
C LYS B 185 -36.76 -2.69 -9.97
N THR B 186 -36.62 -1.94 -8.88
CA THR B 186 -37.48 -0.81 -8.59
C THR B 186 -36.64 0.42 -8.35
N ALA B 187 -36.95 1.48 -9.08
CA ALA B 187 -36.30 2.79 -8.97
C ALA B 187 -36.85 3.63 -7.81
N MET B 188 -35.99 4.53 -7.30
CA MET B 188 -36.40 5.39 -6.20
C MET B 188 -36.60 6.77 -6.73
N MET B 189 -37.62 7.42 -6.18
CA MET B 189 -37.93 8.78 -6.54
C MET B 189 -37.44 9.64 -5.40
N TRP B 190 -36.35 10.38 -5.65
CA TRP B 190 -35.77 11.21 -4.59
C TRP B 190 -36.63 12.41 -4.24
N LYS B 191 -37.49 12.82 -5.17
CA LYS B 191 -38.41 13.92 -4.93
C LYS B 191 -39.37 13.58 -3.79
N ASN B 192 -39.63 12.30 -3.56
CA ASN B 192 -40.47 11.90 -2.43
C ASN B 192 -39.86 12.18 -1.04
N ILE B 193 -38.55 12.36 -0.97
CA ILE B 193 -37.88 12.61 0.31
C ILE B 193 -37.92 14.08 0.68
N VAL B 194 -38.46 14.35 1.87
CA VAL B 194 -38.66 15.69 2.37
C VAL B 194 -37.92 15.80 3.69
N ILE B 195 -36.97 16.72 3.69
CA ILE B 195 -36.14 16.97 4.82
C ILE B 195 -35.93 18.44 4.83
N ALA B 196 -36.47 19.08 5.84
CA ALA B 196 -36.40 20.54 5.92
C ALA B 196 -34.95 21.00 5.98
N GLY B 197 -34.59 21.93 5.10
CA GLY B 197 -33.25 22.51 5.06
C GLY B 197 -32.28 21.70 4.22
N VAL B 198 -32.82 20.70 3.50
CA VAL B 198 -32.05 19.82 2.63
C VAL B 198 -32.69 19.57 1.28
N SER B 199 -33.93 19.05 1.28
CA SER B 199 -34.60 18.75 0.04
C SER B 199 -35.24 19.99 -0.59
N ASN B 200 -35.35 21.07 0.17
CA ASN B 200 -35.97 22.30 -0.33
C ASN B 200 -34.98 23.48 -0.55
N VAL B 201 -33.68 23.22 -0.49
CA VAL B 201 -32.66 24.26 -0.63
C VAL B 201 -31.69 23.86 -1.71
N SER B 202 -30.81 24.77 -2.08
CA SER B 202 -29.72 24.44 -3.00
C SER B 202 -28.97 23.17 -2.59
N GLY B 203 -28.71 22.30 -3.58
CA GLY B 203 -28.12 20.97 -3.36
C GLY B 203 -29.11 19.81 -3.25
N ALA B 204 -30.41 20.11 -3.22
CA ALA B 204 -31.40 19.03 -3.20
C ALA B 204 -31.32 18.06 -4.40
N ILE B 205 -31.85 16.86 -4.22
CA ILE B 205 -31.78 15.78 -5.20
C ILE B 205 -33.20 15.38 -5.57
N ASP B 206 -33.52 15.41 -6.87
CA ASP B 206 -34.94 15.09 -7.31
C ASP B 206 -35.07 14.03 -8.39
N SER B 207 -33.95 13.39 -8.72
CA SER B 207 -33.88 12.38 -9.76
C SER B 207 -34.57 11.09 -9.32
N THR B 208 -34.66 10.20 -10.30
CA THR B 208 -35.35 8.94 -10.16
C THR B 208 -34.58 7.91 -10.97
N ASP B 209 -34.03 6.94 -10.26
CA ASP B 209 -33.20 5.93 -10.92
C ASP B 209 -33.07 4.74 -9.97
N TYR B 210 -32.53 3.65 -10.47
CA TYR B 210 -32.36 2.44 -9.61
C TYR B 210 -31.31 2.76 -8.53
N PRO B 211 -31.49 2.23 -7.30
CA PRO B 211 -30.57 2.59 -6.19
C PRO B 211 -29.09 2.40 -6.51
N THR B 212 -28.79 1.37 -7.30
CA THR B 212 -27.41 1.08 -7.77
C THR B 212 -26.80 2.15 -8.65
N GLN B 213 -27.58 3.15 -9.04
CA GLN B 213 -27.02 4.30 -9.76
C GLN B 213 -26.52 5.41 -8.82
N TYR B 214 -26.95 5.40 -7.58
CA TYR B 214 -26.49 6.36 -6.60
C TYR B 214 -25.27 5.85 -5.80
N ALA B 215 -24.17 6.58 -5.88
CA ALA B 215 -22.95 6.19 -5.16
C ALA B 215 -23.16 5.89 -3.66
N VAL B 216 -24.07 6.61 -3.00
CA VAL B 216 -24.31 6.37 -1.59
C VAL B 216 -24.74 4.95 -1.30
N LEU B 217 -25.53 4.37 -2.20
CA LEU B 217 -25.91 2.97 -2.00
C LEU B 217 -24.73 2.06 -2.24
N ASN B 218 -24.06 2.23 -3.37
CA ASN B 218 -22.97 1.33 -3.72
C ASN B 218 -21.86 1.32 -2.66
N ASN B 219 -21.55 2.49 -2.11
CA ASN B 219 -20.50 2.63 -1.14
C ASN B 219 -20.84 2.00 0.19
N ILE B 220 -22.05 2.22 0.67
CA ILE B 220 -22.51 1.58 1.89
C ILE B 220 -22.48 0.06 1.71
N LYS B 221 -23.03 -0.40 0.59
CA LYS B 221 -23.01 -1.84 0.28
C LYS B 221 -21.61 -2.46 0.32
N ALA B 222 -20.63 -1.77 -0.29
CA ALA B 222 -19.26 -2.27 -0.38
C ALA B 222 -18.57 -2.30 0.98
N MET B 223 -19.09 -1.54 1.95
CA MET B 223 -18.56 -1.53 3.31
C MET B 223 -18.75 -2.83 4.03
N ILE B 224 -19.84 -3.53 3.72
CA ILE B 224 -20.24 -4.68 4.52
C ILE B 224 -19.28 -5.85 4.39
N PRO B 225 -18.95 -6.24 3.16
CA PRO B 225 -17.98 -7.33 3.02
C PRO B 225 -16.63 -6.98 3.59
N ILE B 226 -16.23 -5.71 3.49
CA ILE B 226 -14.97 -5.28 4.08
C ILE B 226 -14.95 -5.53 5.58
N LEU B 227 -16.01 -5.14 6.26
CA LEU B 227 -16.05 -5.33 7.67
C LEU B 227 -16.18 -6.78 8.05
N GLN B 228 -16.82 -7.57 7.21
CA GLN B 228 -16.92 -9.01 7.47
C GLN B 228 -15.53 -9.65 7.44
N GLN B 229 -14.67 -9.24 6.50
CA GLN B 229 -13.31 -9.71 6.48
C GLN B 229 -12.58 -9.23 7.71
N ALA B 230 -12.81 -7.98 8.10
CA ALA B 230 -12.13 -7.41 9.25
C ALA B 230 -12.51 -8.12 10.56
N VAL B 231 -13.77 -8.51 10.66
CA VAL B 231 -14.27 -9.16 11.84
C VAL B 231 -13.62 -10.54 11.99
N THR B 232 -13.54 -11.30 10.91
CA THR B 232 -12.83 -12.57 10.88
C THR B 232 -11.34 -12.38 11.19
N LEU B 233 -10.72 -11.36 10.61
CA LEU B 233 -9.30 -11.18 10.83
C LEU B 233 -9.04 -10.86 12.28
N SER B 234 -9.94 -10.08 12.86
CA SER B 234 -9.84 -9.63 14.23
C SER B 234 -9.93 -10.75 15.22
N GLN B 235 -10.72 -11.76 14.87
CA GLN B 235 -10.95 -12.92 15.72
C GLN B 235 -9.71 -13.82 15.72
N SER B 236 -9.19 -14.16 14.54
CA SER B 236 -8.00 -15.01 14.45
C SER B 236 -6.75 -14.36 15.09
N ASN B 237 -6.57 -13.05 14.89
CA ASN B 237 -5.49 -12.31 15.62
C ASN B 237 -5.44 -12.50 17.14
N HIS B 238 -6.61 -12.66 17.78
CA HIS B 238 -6.67 -12.86 19.23
C HIS B 238 -6.01 -14.21 19.60
N THR B 239 -6.09 -15.18 18.70
CA THR B 239 -5.47 -16.50 18.91
C THR B 239 -3.97 -16.40 18.69
N LEU B 240 -3.59 -15.89 17.52
CA LEU B 240 -2.16 -15.67 17.22
C LEU B 240 -1.40 -14.99 18.39
N SER B 241 -2.07 -13.98 18.99
CA SER B 241 -1.56 -13.17 20.10
C SER B 241 -1.18 -13.99 21.32
N ALA B 242 -1.82 -15.14 21.49
CA ALA B 242 -1.56 -16.03 22.63
C ALA B 242 -0.23 -16.81 22.56
N SER B 243 0.28 -17.08 21.36
CA SER B 243 1.57 -17.80 21.14
C SER B 243 2.84 -16.92 21.07
N LEU B 244 2.68 -15.61 21.29
CA LEU B 244 3.79 -14.61 21.26
C LEU B 244 4.00 -13.94 22.63
N GLN B 245 5.13 -14.13 23.31
CA GLN B 245 5.35 -13.43 24.62
C GLN B 245 6.61 -12.58 24.56
N ALA B 246 6.63 -11.54 25.41
CA ALA B 246 7.79 -10.65 25.54
C ALA B 246 9.03 -11.47 25.86
N GLN B 247 10.13 -11.16 25.17
CA GLN B 247 11.44 -11.85 25.33
C GLN B 247 12.27 -11.23 26.49
N ALA B 248 13.23 -12.00 27.02
CA ALA B 248 14.06 -11.58 28.18
C ALA B 248 15.40 -10.89 27.81
N ASN B 254 15.03 -16.56 18.12
CA ASN B 254 14.05 -17.55 17.63
C ASN B 254 13.57 -17.17 16.19
N PRO B 255 13.97 -17.95 15.16
CA PRO B 255 13.38 -17.76 13.82
C PRO B 255 11.84 -17.87 13.81
N LYS B 256 11.27 -18.68 14.72
CA LYS B 256 9.80 -18.73 14.92
C LYS B 256 9.19 -17.37 15.35
N PHE B 257 9.80 -16.73 16.36
CA PHE B 257 9.37 -15.40 16.82
C PHE B 257 9.50 -14.31 15.75
N ALA B 258 10.62 -14.30 15.05
CA ALA B 258 10.82 -13.34 14.01
C ALA B 258 9.70 -13.46 13.00
N LYS B 259 9.33 -14.67 12.61
CA LYS B 259 8.28 -14.89 11.62
C LYS B 259 6.89 -14.49 12.15
N ASP B 260 6.61 -14.86 13.39
CA ASP B 260 5.29 -14.66 13.95
C ASP B 260 5.00 -13.21 14.28
N ILE B 261 5.96 -12.50 14.86
CA ILE B 261 5.75 -11.10 15.21
C ILE B 261 5.49 -10.25 13.94
N TYR B 262 6.16 -10.57 12.85
CA TYR B 262 5.98 -9.85 11.62
C TYR B 262 4.60 -10.09 11.04
N ALA B 263 4.17 -11.35 11.03
CA ALA B 263 2.84 -11.72 10.57
C ALA B 263 1.79 -11.08 11.45
N PHE B 264 2.00 -11.15 12.76
CA PHE B 264 1.11 -10.52 13.72
C PHE B 264 1.00 -9.01 13.45
N ALA B 265 2.14 -8.33 13.25
CA ALA B 265 2.12 -6.91 12.99
C ALA B 265 1.39 -6.55 11.69
N GLN B 266 1.62 -7.29 10.63
CA GLN B 266 0.94 -7.00 9.39
C GLN B 266 -0.55 -7.18 9.53
N ASN B 267 -0.94 -8.20 10.28
CA ASN B 267 -2.34 -8.43 10.51
C ASN B 267 -2.96 -7.31 11.25
N GLN B 268 -2.23 -6.71 12.19
CA GLN B 268 -2.83 -5.56 12.87
C GLN B 268 -2.92 -4.41 11.88
N LYS B 269 -1.94 -4.24 10.99
CA LYS B 269 -2.05 -3.17 10.03
C LYS B 269 -3.27 -3.34 9.12
N GLN B 270 -3.62 -4.60 8.82
CA GLN B 270 -4.69 -4.90 7.92
C GLN B 270 -6.03 -4.58 8.60
N VAL B 271 -6.13 -4.84 9.90
CA VAL B 271 -7.32 -4.46 10.65
C VAL B 271 -7.51 -2.97 10.51
N ILE B 272 -6.48 -2.19 10.81
CA ILE B 272 -6.54 -0.74 10.64
C ILE B 272 -6.84 -0.33 9.21
N SER B 273 -6.24 -0.98 8.23
CA SER B 273 -6.48 -0.59 6.83
C SER B 273 -7.94 -0.78 6.50
N TYR B 274 -8.55 -1.85 7.02
CA TYR B 274 -9.98 -2.09 6.81
C TYR B 274 -10.84 -0.95 7.37
N ALA B 275 -10.56 -0.51 8.59
CA ALA B 275 -11.19 0.68 9.11
C ALA B 275 -10.99 1.87 8.16
N GLN B 276 -9.78 2.06 7.63
CA GLN B 276 -9.54 3.17 6.72
C GLN B 276 -10.32 3.01 5.44
N ASP B 277 -10.47 1.76 5.02
CA ASP B 277 -11.24 1.47 3.81
C ASP B 277 -12.66 1.94 4.00
N ILE B 278 -13.21 1.76 5.20
CA ILE B 278 -14.60 2.20 5.47
C ILE B 278 -14.69 3.71 5.46
N PHE B 279 -13.78 4.35 6.19
CA PHE B 279 -13.67 5.80 6.14
C PHE B 279 -13.61 6.31 4.70
N ASN B 280 -12.80 5.70 3.85
CA ASN B 280 -12.73 6.14 2.45
C ASN B 280 -14.02 5.97 1.71
N LEU B 281 -14.76 4.93 2.01
CA LEU B 281 -16.00 4.76 1.34
C LEU B 281 -16.99 5.79 1.84
N PHE B 282 -16.92 6.22 3.09
CA PHE B 282 -17.78 7.34 3.52
C PHE B 282 -17.37 8.66 2.86
N SER B 283 -16.07 8.86 2.76
CA SER B 283 -15.55 10.12 2.30
C SER B 283 -15.91 10.35 0.84
N SER B 284 -16.01 9.25 0.11
CA SER B 284 -16.28 9.15 -1.30
C SER B 284 -17.69 9.45 -1.71
N ILE B 285 -18.56 9.51 -0.74
CA ILE B 285 -19.97 9.70 -1.03
C ILE B 285 -20.17 11.13 -1.51
N PRO B 286 -20.90 11.28 -2.62
CA PRO B 286 -21.11 12.64 -3.07
C PRO B 286 -21.76 13.48 -2.02
N LYS B 287 -21.27 14.71 -1.90
CA LYS B 287 -21.65 15.59 -0.80
C LYS B 287 -23.14 15.78 -0.67
N ASP B 288 -23.80 16.01 -1.78
CA ASP B 288 -25.25 16.18 -1.79
C ASP B 288 -26.04 14.95 -1.26
N GLN B 289 -25.59 13.74 -1.62
CA GLN B 289 -26.19 12.48 -1.13
C GLN B 289 -25.90 12.22 0.32
N TYR B 290 -24.71 12.64 0.77
CA TYR B 290 -24.32 12.52 2.18
C TYR B 290 -25.19 13.44 3.02
N ARG B 291 -25.57 14.61 2.52
CA ARG B 291 -26.44 15.54 3.30
C ARG B 291 -27.80 14.93 3.59
N TYR B 292 -28.28 14.07 2.69
CA TYR B 292 -29.53 13.34 2.94
C TYR B 292 -29.28 12.23 3.93
N LEU B 293 -28.20 11.49 3.74
CA LEU B 293 -27.93 10.38 4.61
C LEU B 293 -27.80 10.83 6.07
N GLU B 294 -27.09 11.91 6.28
CA GLU B 294 -26.74 12.34 7.60
C GLU B 294 -27.93 12.96 8.32
N LYS B 295 -28.94 13.35 7.56
CA LYS B 295 -30.23 13.76 8.13
C LYS B 295 -31.41 12.89 7.80
N ALA B 296 -31.17 11.64 7.42
CA ALA B 296 -32.25 10.68 7.10
C ALA B 296 -33.27 10.57 8.23
N TYR B 297 -32.82 10.68 9.45
CA TYR B 297 -33.69 10.64 10.63
C TYR B 297 -34.68 11.79 10.74
N LEU B 298 -34.49 12.83 9.95
CA LEU B 298 -35.41 13.97 9.96
C LEU B 298 -36.40 13.92 8.83
N LYS B 299 -36.40 12.84 8.06
CA LYS B 299 -37.35 12.69 6.95
C LYS B 299 -38.79 12.78 7.44
N ILE B 300 -39.64 13.44 6.67
CA ILE B 300 -41.07 13.51 7.00
C ILE B 300 -41.92 12.95 5.85
N PRO B 301 -43.13 12.43 6.17
CA PRO B 301 -44.12 11.99 5.13
C PRO B 301 -44.47 12.95 3.91
N GLU B 314 -32.13 11.18 17.98
CA GLU B 314 -31.05 11.76 17.20
C GLU B 314 -30.00 10.67 16.85
N VAL B 315 -29.79 10.54 15.54
CA VAL B 315 -28.79 9.66 14.93
C VAL B 315 -27.63 10.62 14.63
N ASN B 316 -26.41 10.23 15.01
CA ASN B 316 -25.27 11.06 14.71
C ASN B 316 -24.22 10.35 13.91
N LEU B 317 -24.46 10.21 12.63
CA LEU B 317 -23.47 9.60 11.74
C LEU B 317 -22.14 10.35 11.67
N ASN B 318 -22.17 11.67 11.71
CA ASN B 318 -20.93 12.43 11.67
C ASN B 318 -19.99 12.09 12.82
N GLN B 319 -20.54 11.99 14.02
CA GLN B 319 -19.73 11.67 15.18
C GLN B 319 -19.16 10.27 15.02
N GLU B 320 -19.92 9.35 14.46
CA GLU B 320 -19.44 7.98 14.31
C GLU B 320 -18.33 7.88 13.27
N ILE B 321 -18.39 8.71 12.24
CA ILE B 321 -17.33 8.70 11.26
C ILE B 321 -16.08 9.32 11.84
N GLN B 322 -16.27 10.41 12.57
CA GLN B 322 -15.17 11.10 13.25
C GLN B 322 -14.39 10.11 14.14
N THR B 323 -15.13 9.24 14.81
CA THR B 323 -14.53 8.25 15.68
C THR B 323 -13.67 7.28 14.92
N ILE B 324 -14.10 6.88 13.72
CA ILE B 324 -13.28 6.03 12.92
C ILE B 324 -12.02 6.76 12.52
N GLN B 325 -12.14 7.99 12.00
CA GLN B 325 -10.93 8.73 11.63
C GLN B 325 -9.95 8.84 12.82
N ASN B 326 -10.46 9.16 14.01
CA ASN B 326 -9.59 9.29 15.15
C ASN B 326 -8.97 7.99 15.59
N ASN B 327 -9.75 6.91 15.57
CA ASN B 327 -9.17 5.60 15.80
C ASN B 327 -8.03 5.29 14.84
N VAL B 328 -8.20 5.61 13.58
CA VAL B 328 -7.21 5.21 12.59
C VAL B 328 -5.89 5.87 12.86
N SER B 329 -5.86 7.15 13.18
CA SER B 329 -4.58 7.80 13.42
C SER B 329 -4.10 7.45 14.83
N TYR B 330 -4.98 7.40 15.81
CA TYR B 330 -4.56 7.11 17.19
C TYR B 330 -3.89 5.77 17.28
N TYR B 331 -4.60 4.73 16.88
CA TYR B 331 -4.07 3.40 16.96
C TYR B 331 -3.16 3.09 15.75
N GLY B 332 -3.58 3.50 14.56
CA GLY B 332 -2.86 3.13 13.36
C GLY B 332 -1.47 3.68 13.15
N ASN B 333 -1.20 4.88 13.62
CA ASN B 333 0.18 5.35 13.60
C ASN B 333 1.10 4.58 14.54
N ARG B 334 0.54 4.04 15.60
CA ARG B 334 1.30 3.20 16.50
C ARG B 334 1.51 1.84 15.91
N VAL B 335 0.50 1.29 15.26
CA VAL B 335 0.71 -0.01 14.68
C VAL B 335 1.73 0.06 13.57
N ASP B 336 1.78 1.15 12.79
CA ASP B 336 2.86 1.33 11.80
C ASP B 336 4.25 1.32 12.45
N ALA B 337 4.40 1.98 13.58
CA ALA B 337 5.68 2.08 14.23
C ALA B 337 6.10 0.67 14.65
N ALA B 338 5.19 -0.06 15.29
CA ALA B 338 5.46 -1.44 15.74
C ALA B 338 5.76 -2.31 14.54
N LEU B 339 4.99 -2.16 13.49
CA LEU B 339 5.27 -2.93 12.28
C LEU B 339 6.70 -2.68 11.84
N SER B 340 7.19 -1.46 11.86
CA SER B 340 8.53 -1.21 11.43
C SER B 340 9.53 -1.98 12.19
N VAL B 341 9.31 -2.05 13.47
CA VAL B 341 10.19 -2.72 14.32
C VAL B 341 10.08 -4.19 14.04
N ALA B 342 8.87 -4.68 13.86
CA ALA B 342 8.73 -6.09 13.57
C ALA B 342 9.36 -6.46 12.25
N LYS B 343 9.37 -5.58 11.27
CA LYS B 343 10.11 -5.87 10.05
C LYS B 343 11.60 -5.94 10.27
N ASP B 344 12.14 -5.05 11.08
CA ASP B 344 13.54 -5.10 11.41
C ASP B 344 13.86 -6.44 12.07
N VAL B 345 12.98 -6.94 12.92
CA VAL B 345 13.21 -8.25 13.54
C VAL B 345 13.15 -9.35 12.47
N TYR B 346 12.15 -9.31 11.60
CA TYR B 346 12.06 -10.30 10.52
C TYR B 346 13.25 -10.21 9.56
N ASN B 347 13.77 -9.03 9.29
CA ASN B 347 14.87 -8.96 8.41
C ASN B 347 16.24 -9.03 9.02
N LEU B 348 16.35 -9.38 10.31
CA LEU B 348 17.65 -9.32 10.95
C LEU B 348 18.72 -10.12 10.18
N LYS B 349 18.39 -11.35 9.82
CA LYS B 349 19.45 -12.27 9.33
C LYS B 349 19.91 -11.80 8.00
N SER B 350 18.92 -11.47 7.25
CA SER B 350 19.14 -10.98 5.94
C SER B 350 19.84 -9.62 6.00
N ASN B 351 19.46 -8.77 6.93
CA ASN B 351 20.19 -7.48 7.05
C ASN B 351 21.69 -7.64 7.46
N GLN B 352 21.99 -8.66 8.24
CA GLN B 352 23.36 -8.98 8.58
C GLN B 352 24.19 -9.37 7.39
N THR B 353 23.65 -10.20 6.53
CA THR B 353 24.36 -10.57 5.33
C THR B 353 24.58 -9.37 4.43
N GLU B 354 23.56 -8.55 4.33
CA GLU B 354 23.57 -7.42 3.42
C GLU B 354 24.52 -6.32 3.87
N ILE B 355 24.58 -6.09 5.16
CA ILE B 355 25.51 -5.11 5.61
C ILE B 355 26.94 -5.55 5.38
N VAL B 356 27.21 -6.85 5.55
CA VAL B 356 28.56 -7.36 5.38
C VAL B 356 28.95 -7.26 3.91
N THR B 357 28.10 -7.73 3.03
CA THR B 357 28.36 -7.54 1.59
C THR B 357 28.61 -6.08 1.28
N THR B 358 27.75 -5.23 1.78
CA THR B 358 27.83 -3.80 1.48
C THR B 358 29.12 -3.15 2.03
N TYR B 359 29.59 -3.63 3.17
CA TYR B 359 30.82 -3.14 3.74
C TYR B 359 32.00 -3.54 2.86
N ASN B 360 32.06 -4.82 2.54
CA ASN B 360 33.06 -5.33 1.61
C ASN B 360 33.08 -4.59 0.28
N ASN B 361 31.90 -4.40 -0.33
CA ASN B 361 31.82 -3.62 -1.55
C ASN B 361 32.36 -2.23 -1.37
N ALA B 362 32.01 -1.63 -0.24
CA ALA B 362 32.48 -0.26 0.01
C ALA B 362 33.97 -0.18 0.22
N LYS B 363 34.50 -1.17 0.89
CA LYS B 363 35.93 -1.19 1.21
C LYS B 363 36.77 -1.37 -0.07
N ASN B 364 36.34 -2.29 -0.93
CA ASN B 364 37.02 -2.56 -2.15
C ASN B 364 36.94 -1.38 -3.08
N LEU B 365 35.76 -0.78 -3.16
CA LEU B 365 35.56 0.36 -4.00
C LEU B 365 36.44 1.56 -3.54
N SER B 366 36.50 1.81 -2.25
CA SER B 366 37.39 2.86 -1.76
C SER B 366 38.88 2.64 -2.10
N GLN B 367 39.29 1.37 -2.23
CA GLN B 367 40.66 1.06 -2.57
C GLN B 367 40.88 1.28 -4.02
N GLU B 368 39.93 0.87 -4.84
CA GLU B 368 40.03 1.14 -6.25
C GLU B 368 40.10 2.62 -6.49
N ILE B 369 39.32 3.39 -5.74
CA ILE B 369 39.36 4.84 -5.86
C ILE B 369 40.75 5.37 -5.53
N SER B 370 41.31 4.88 -4.43
CA SER B 370 42.62 5.36 -3.95
C SER B 370 43.71 5.21 -5.00
N LYS B 371 43.63 4.14 -5.77
CA LYS B 371 44.61 3.83 -6.83
C LYS B 371 44.38 4.59 -8.14
N LEU B 372 43.51 5.58 -8.13
CA LEU B 372 43.25 6.40 -9.30
C LEU B 372 44.10 7.67 -9.14
N PRO B 373 44.94 8.00 -10.16
CA PRO B 373 45.82 9.18 -10.00
C PRO B 373 45.03 10.48 -9.94
N TYR B 374 43.95 10.53 -10.71
CA TYR B 374 43.14 11.71 -10.80
C TYR B 374 42.19 11.78 -9.59
N ASN B 375 42.25 10.83 -8.67
CA ASN B 375 41.48 10.91 -7.44
C ASN B 375 41.95 11.98 -6.48
N GLN B 376 41.02 12.86 -6.12
CA GLN B 376 41.32 13.94 -5.18
C GLN B 376 40.80 13.71 -3.77
N VAL B 377 39.85 12.80 -3.56
CA VAL B 377 39.32 12.56 -2.21
C VAL B 377 39.95 11.39 -1.46
N ASN B 378 40.40 11.64 -0.24
CA ASN B 378 40.93 10.59 0.62
C ASN B 378 39.81 9.68 1.12
N THR B 379 39.87 8.41 0.72
CA THR B 379 38.87 7.36 1.01
C THR B 379 39.47 6.16 1.76
N LYS B 380 40.75 6.23 2.12
CA LYS B 380 41.38 5.20 2.88
C LYS B 380 40.70 5.03 4.26
N ASP B 381 40.25 3.81 4.53
CA ASP B 381 39.55 3.52 5.78
C ASP B 381 38.33 4.42 6.04
N ILE B 382 37.65 4.87 4.98
CA ILE B 382 36.43 5.64 5.15
C ILE B 382 35.36 4.83 5.90
N ILE B 383 35.35 3.52 5.71
CA ILE B 383 34.57 2.62 6.51
C ILE B 383 35.43 1.45 7.08
N THR B 384 35.23 1.16 8.35
CA THR B 384 36.03 0.24 9.10
C THR B 384 35.16 -0.47 10.10
N LEU B 385 35.70 -1.55 10.66
CA LEU B 385 35.04 -2.28 11.72
C LEU B 385 35.96 -2.35 12.95
N PRO B 386 35.71 -1.49 13.94
CA PRO B 386 36.57 -1.40 15.10
C PRO B 386 36.79 -2.69 15.86
N TYR B 387 38.02 -2.88 16.32
CA TYR B 387 38.52 -4.18 16.77
C TYR B 387 39.40 -3.96 17.95
N ASP B 388 39.32 -4.90 18.88
CA ASP B 388 40.02 -4.77 20.16
C ASP B 388 40.67 -6.06 20.47
N GLN B 389 41.88 -6.21 19.96
CA GLN B 389 42.80 -7.29 20.30
C GLN B 389 42.39 -8.65 19.76
N ASN B 390 41.20 -9.09 20.09
CA ASN B 390 40.79 -10.40 19.61
C ASN B 390 39.32 -10.55 19.31
N ALA B 391 38.66 -9.43 19.11
CA ALA B 391 37.24 -9.41 18.89
C ALA B 391 36.87 -7.99 18.43
N PRO B 392 35.77 -7.86 17.69
CA PRO B 392 35.23 -6.55 17.41
C PRO B 392 35.06 -5.76 18.71
N ALA B 393 35.24 -4.45 18.65
CA ALA B 393 35.24 -3.61 19.85
C ALA B 393 33.85 -3.33 20.39
N ALA B 394 32.87 -3.20 19.49
CA ALA B 394 31.53 -2.81 19.88
C ALA B 394 30.47 -3.41 18.98
N GLY B 395 30.56 -4.71 18.72
CA GLY B 395 29.67 -5.37 17.79
C GLY B 395 30.24 -5.66 16.41
N GLN B 396 29.87 -6.83 15.95
CA GLN B 396 30.20 -7.36 14.63
C GLN B 396 29.73 -6.53 13.44
N TYR B 397 28.65 -5.79 13.65
CA TYR B 397 28.03 -5.07 12.56
C TYR B 397 28.14 -3.54 12.71
N ASN B 398 28.85 -3.09 13.73
CA ASN B 398 28.86 -1.70 14.04
C ASN B 398 29.95 -0.94 13.27
N TYR B 399 29.81 -0.86 11.97
CA TYR B 399 30.84 -0.25 11.15
C TYR B 399 30.95 1.22 11.45
N GLN B 400 32.16 1.77 11.41
CA GLN B 400 32.34 3.20 11.56
C GLN B 400 32.63 3.79 10.23
N ILE B 401 31.84 4.78 9.89
CA ILE B 401 32.08 5.62 8.73
C ILE B 401 32.70 6.94 9.19
N ASN B 402 33.86 7.23 8.67
CA ASN B 402 34.53 8.48 8.97
C ASN B 402 33.76 9.70 8.46
N PRO B 403 33.34 10.61 9.36
CA PRO B 403 32.45 11.68 8.88
C PRO B 403 33.14 12.79 8.11
N GLU B 404 34.40 13.08 8.40
CA GLU B 404 35.16 14.06 7.63
C GLU B 404 35.27 13.60 6.19
N GLN B 405 35.69 12.35 6.01
CA GLN B 405 35.89 11.81 4.67
C GLN B 405 34.55 11.65 3.91
N GLN B 406 33.47 11.34 4.64
CA GLN B 406 32.18 11.23 4.01
C GLN B 406 31.69 12.61 3.62
N SER B 407 31.88 13.59 4.50
CA SER B 407 31.62 14.99 4.18
C SER B 407 32.40 15.45 2.93
N ASN B 408 33.71 15.19 2.92
CA ASN B 408 34.54 15.45 1.73
C ASN B 408 33.97 14.82 0.45
N LEU B 409 33.60 13.55 0.54
CA LEU B 409 33.05 12.82 -0.57
C LEU B 409 31.78 13.51 -1.07
N SER B 410 30.93 13.94 -0.16
CA SER B 410 29.71 14.64 -0.55
C SER B 410 29.97 15.96 -1.25
N GLN B 411 30.87 16.74 -0.66
CA GLN B 411 31.29 18.02 -1.21
C GLN B 411 31.81 17.85 -2.62
N ALA B 412 32.62 16.82 -2.84
CA ALA B 412 33.11 16.54 -4.20
C ALA B 412 32.01 16.12 -5.18
N LEU B 413 31.03 15.36 -4.71
CA LEU B 413 29.87 15.06 -5.57
C LEU B 413 29.08 16.28 -5.98
N ALA B 414 28.95 17.20 -5.04
CA ALA B 414 28.13 18.39 -5.21
C ALA B 414 28.80 19.38 -6.16
N ALA B 415 30.11 19.50 -6.01
CA ALA B 415 30.95 20.24 -6.93
C ALA B 415 30.87 19.67 -8.32
N MET B 416 30.86 18.35 -8.43
CA MET B 416 30.70 17.68 -9.72
C MET B 416 29.27 17.75 -10.28
N SER B 417 28.28 18.06 -9.45
CA SER B 417 26.92 18.15 -9.96
C SER B 417 26.69 19.48 -10.70
N ASN B 418 27.66 20.42 -10.69
CA ASN B 418 27.51 21.71 -11.42
C ASN B 418 28.42 21.91 -12.64
N ASN B 419 28.55 20.82 -13.39
CA ASN B 419 28.80 20.89 -14.81
C ASN B 419 28.15 19.67 -15.46
#